data_6GFP
#
_entry.id   6GFP
#
_cell.length_a   141.469
_cell.length_b   141.469
_cell.length_c   74.425
_cell.angle_alpha   90.00
_cell.angle_beta   90.00
_cell.angle_gamma   90.00
#
_symmetry.space_group_name_H-M   'P 43 21 2'
#
loop_
_entity.id
_entity.type
_entity.pdbx_description
1 polymer 'Glyceraldehyde-3-phosphate dehydrogenase'
2 non-polymer 'NADP NICOTINAMIDE-ADENINE-DINUCLEOTIDE PHOSPHATE'
3 non-polymer NICOTINAMIDE-ADENINE-DINUCLEOTIDE
4 non-polymer 'MALONATE ION'
5 non-polymer 'FORMIC ACID'
6 non-polymer 'MAGNESIUM ION'
7 water water
#
_entity_poly.entity_id   1
_entity_poly.type   'polypeptide(L)'
_entity_poly.pdbx_seq_one_letter_code
;GSMVRVAINGFGRIGRNFMRCWLQRKANSKLEIVGINDTSDPRTNAHLLKYDSMLGIFQDAEITADDDCIYAGGHAVKCV
SDRNPENLPWSAWGIDLVIEATGVFTSREGASKHLSAGAKKVLITAPGKGNIPTYVVGVNHHTYDPSEDIVSNASCTTNC
LAPIVKVLHEAFGIQQGMMTTTHSYTGDQRLLDASHRDLRRARAAAMNIVPTSTGAAKAVGLVIPELQGKLNGIALRVPT
PNVSVVDFVAQVEKPTIAEQVNQVIKEASETTMKGIIHYSELELVSSDYRGHNASSILDASLTMVLGGNLVKVVAWYDNE
WGYSQRVLDLAEHMAAHWA
;
_entity_poly.pdbx_strand_id   A,B
#
# COMPACT_ATOMS: atom_id res chain seq x y z
N SER A 2 -13.24 -35.01 -6.96
CA SER A 2 -12.47 -34.42 -8.06
C SER A 2 -11.39 -33.47 -7.53
N MET A 3 -11.76 -32.63 -6.56
CA MET A 3 -10.85 -31.63 -6.04
C MET A 3 -9.64 -32.27 -5.37
N VAL A 4 -8.46 -31.69 -5.61
CA VAL A 4 -7.28 -32.04 -4.82
C VAL A 4 -7.36 -31.28 -3.50
N ARG A 5 -7.36 -32.02 -2.40
CA ARG A 5 -7.52 -31.41 -1.08
C ARG A 5 -6.17 -30.92 -0.58
N VAL A 6 -6.10 -29.63 -0.24
CA VAL A 6 -4.85 -28.96 0.10
C VAL A 6 -4.85 -28.57 1.56
N ALA A 7 -3.70 -28.74 2.20
CA ALA A 7 -3.43 -28.17 3.52
C ALA A 7 -2.24 -27.23 3.40
N ILE A 8 -2.33 -26.08 4.07
CA ILE A 8 -1.19 -25.16 4.17
C ILE A 8 -0.48 -25.44 5.48
N ASN A 9 0.83 -25.71 5.41
CA ASN A 9 1.65 -25.86 6.62
C ASN A 9 2.51 -24.60 6.75
N GLY A 10 2.19 -23.78 7.74
CA GLY A 10 2.91 -22.54 7.94
C GLY A 10 2.12 -21.40 7.33
N PHE A 11 1.36 -20.68 8.15
CA PHE A 11 0.42 -19.68 7.65
C PHE A 11 1.04 -18.29 7.74
N GLY A 12 2.20 -18.14 7.11
CA GLY A 12 2.99 -16.93 7.18
C GLY A 12 2.77 -16.04 5.97
N ARG A 13 3.78 -15.23 5.65
CA ARG A 13 3.62 -14.35 4.50
C ARG A 13 3.26 -15.16 3.26
N ILE A 14 4.01 -16.22 2.97
CA ILE A 14 3.69 -16.97 1.76
C ILE A 14 2.42 -17.81 1.94
N GLY A 15 2.26 -18.46 3.09
CA GLY A 15 1.03 -19.21 3.33
C GLY A 15 -0.22 -18.37 3.12
N ARG A 16 -0.21 -17.13 3.62
CA ARG A 16 -1.40 -16.28 3.53
C ARG A 16 -1.52 -15.62 2.17
N ASN A 17 -0.40 -15.22 1.55
CA ASN A 17 -0.49 -14.75 0.17
C ASN A 17 -1.05 -15.85 -0.72
N PHE A 18 -0.54 -17.08 -0.56
CA PHE A 18 -1.08 -18.22 -1.32
C PHE A 18 -2.58 -18.38 -1.11
N MET A 19 -3.02 -18.32 0.16
CA MET A 19 -4.45 -18.47 0.41
CA MET A 19 -4.45 -18.45 0.44
C MET A 19 -5.26 -17.37 -0.28
N ARG A 20 -4.77 -16.14 -0.24
CA ARG A 20 -5.50 -15.07 -0.92
C ARG A 20 -5.45 -15.23 -2.43
N CYS A 21 -4.34 -15.72 -2.99
CA CYS A 21 -4.31 -16.04 -4.42
C CYS A 21 -5.40 -17.06 -4.76
N TRP A 22 -5.49 -18.12 -3.97
CA TRP A 22 -6.47 -19.17 -4.23
C TRP A 22 -7.89 -18.63 -4.08
N LEU A 23 -8.15 -17.83 -3.06
CA LEU A 23 -9.49 -17.29 -2.85
C LEU A 23 -9.96 -16.48 -4.05
N GLN A 24 -9.03 -15.84 -4.76
CA GLN A 24 -9.41 -15.00 -5.87
C GLN A 24 -9.45 -15.77 -7.19
N ARG A 25 -8.83 -16.95 -7.23
CA ARG A 25 -8.85 -17.83 -8.40
C ARG A 25 -9.62 -19.11 -8.16
N LYS A 26 -10.54 -19.10 -7.18
CA LYS A 26 -11.16 -20.33 -6.69
C LYS A 26 -12.20 -20.91 -7.66
N ALA A 27 -12.72 -20.10 -8.59
CA ALA A 27 -13.80 -20.58 -9.45
C ALA A 27 -13.31 -21.55 -10.53
N ASN A 28 -12.05 -21.44 -10.95
CA ASN A 28 -11.51 -22.31 -12.00
C ASN A 28 -10.54 -23.35 -11.46
N SER A 29 -10.45 -23.49 -10.15
CA SER A 29 -9.40 -24.27 -9.51
C SER A 29 -9.77 -25.75 -9.44
N LYS A 30 -8.75 -26.61 -9.48
CA LYS A 30 -8.87 -28.01 -9.12
C LYS A 30 -8.44 -28.27 -7.69
N LEU A 31 -8.16 -27.22 -6.93
CA LEU A 31 -7.71 -27.31 -5.56
C LEU A 31 -8.79 -26.84 -4.61
N GLU A 32 -8.88 -27.49 -3.46
CA GLU A 32 -9.74 -27.06 -2.36
C GLU A 32 -8.87 -26.97 -1.12
N ILE A 33 -8.70 -25.75 -0.58
CA ILE A 33 -7.93 -25.60 0.65
C ILE A 33 -8.83 -26.03 1.80
N VAL A 34 -8.47 -27.13 2.45
CA VAL A 34 -9.32 -27.70 3.49
C VAL A 34 -8.71 -27.57 4.89
N GLY A 35 -7.43 -27.33 5.01
CA GLY A 35 -6.78 -27.36 6.32
C GLY A 35 -5.60 -26.42 6.39
N ILE A 36 -5.32 -25.94 7.60
CA ILE A 36 -4.15 -25.14 7.91
C ILE A 36 -3.53 -25.68 9.19
N ASN A 37 -2.22 -25.92 9.16
CA ASN A 37 -1.46 -26.10 10.39
C ASN A 37 -0.53 -24.89 10.56
N ASP A 38 -0.43 -24.39 11.79
CA ASP A 38 0.40 -23.23 12.05
C ASP A 38 0.71 -23.16 13.52
N THR A 39 1.74 -22.40 13.87
CA THR A 39 2.09 -22.23 15.28
C THR A 39 1.03 -21.45 16.06
N SER A 40 0.19 -20.67 15.38
CA SER A 40 -0.81 -19.85 16.03
C SER A 40 -2.20 -20.46 15.89
N ASP A 41 -3.21 -19.70 16.37
CA ASP A 41 -4.60 -20.16 16.47
C ASP A 41 -5.45 -19.57 15.35
N PRO A 42 -6.62 -20.16 15.08
CA PRO A 42 -7.43 -19.69 13.94
C PRO A 42 -7.89 -18.26 14.09
N ARG A 43 -8.16 -17.78 15.29
CA ARG A 43 -8.63 -16.40 15.42
C ARG A 43 -7.52 -15.42 15.07
N THR A 44 -6.33 -15.65 15.59
CA THR A 44 -5.18 -14.83 15.20
C THR A 44 -4.94 -14.90 13.70
N ASN A 45 -5.01 -16.11 13.14
CA ASN A 45 -4.65 -16.26 11.73
C ASN A 45 -5.74 -15.72 10.81
N ALA A 46 -7.00 -15.78 11.22
CA ALA A 46 -8.06 -15.12 10.44
C ALA A 46 -7.87 -13.61 10.44
N HIS A 47 -7.48 -13.07 11.59
CA HIS A 47 -7.24 -11.63 11.67
C HIS A 47 -6.15 -11.23 10.69
N LEU A 48 -5.04 -11.98 10.69
CA LEU A 48 -3.91 -11.66 9.81
C LEU A 48 -4.25 -11.89 8.35
N LEU A 49 -5.07 -12.90 8.05
CA LEU A 49 -5.48 -13.13 6.67
C LEU A 49 -6.27 -11.94 6.15
N LYS A 50 -7.15 -11.39 6.99
CA LYS A 50 -7.98 -10.28 6.53
C LYS A 50 -7.21 -8.97 6.52
N TYR A 51 -6.44 -8.70 7.56
CA TYR A 51 -5.78 -7.40 7.72
C TYR A 51 -4.29 -7.56 7.43
N ASP A 52 -3.90 -7.20 6.22
CA ASP A 52 -2.58 -7.43 5.68
C ASP A 52 -1.93 -6.08 5.40
N SER A 53 -0.77 -5.81 6.01
CA SER A 53 -0.13 -4.51 5.82
C SER A 53 0.31 -4.28 4.39
N MET A 54 0.51 -5.34 3.60
CA MET A 54 0.96 -5.21 2.22
C MET A 54 -0.19 -5.30 1.22
N LEU A 55 -1.07 -6.28 1.39
CA LEU A 55 -2.15 -6.53 0.45
C LEU A 55 -3.40 -5.69 0.72
N GLY A 56 -3.51 -5.07 1.91
CA GLY A 56 -4.71 -4.36 2.27
C GLY A 56 -5.73 -5.31 2.86
N ILE A 57 -6.90 -4.75 3.20
CA ILE A 57 -7.98 -5.52 3.80
C ILE A 57 -8.61 -6.41 2.74
N PHE A 58 -8.77 -7.69 3.06
CA PHE A 58 -9.50 -8.59 2.17
C PHE A 58 -10.99 -8.27 2.22
N GLN A 59 -11.57 -7.93 1.08
CA GLN A 59 -12.98 -7.57 1.06
C GLN A 59 -13.83 -8.36 0.08
N ASP A 60 -13.26 -9.33 -0.64
CA ASP A 60 -14.06 -10.11 -1.57
C ASP A 60 -15.09 -10.97 -0.84
N ALA A 61 -14.73 -11.50 0.32
CA ALA A 61 -15.62 -12.36 1.08
C ALA A 61 -15.35 -12.16 2.56
N GLU A 62 -16.33 -12.52 3.38
CA GLU A 62 -16.18 -12.43 4.82
C GLU A 62 -15.08 -13.39 5.30
N ILE A 63 -14.30 -12.94 6.28
CA ILE A 63 -13.30 -13.79 6.91
C ILE A 63 -13.58 -13.77 8.41
N THR A 64 -13.83 -14.95 8.98
CA THR A 64 -14.02 -15.04 10.44
C THR A 64 -13.38 -16.34 10.92
N ALA A 65 -13.58 -16.66 12.21
CA ALA A 65 -12.91 -17.80 12.79
C ALA A 65 -13.59 -18.20 14.08
N ASP A 66 -13.38 -19.45 14.48
CA ASP A 66 -13.74 -19.88 15.83
C ASP A 66 -12.59 -20.74 16.34
N ASP A 67 -12.82 -21.53 17.38
CA ASP A 67 -11.72 -22.28 17.99
C ASP A 67 -11.11 -23.28 17.01
N ASP A 68 -11.88 -23.74 16.04
CA ASP A 68 -11.46 -24.86 15.20
C ASP A 68 -11.23 -24.50 13.75
N CYS A 69 -11.84 -23.45 13.22
CA CYS A 69 -11.80 -23.18 11.79
C CYS A 69 -11.56 -21.71 11.51
N ILE A 70 -10.97 -21.45 10.33
CA ILE A 70 -11.05 -20.15 9.68
C ILE A 70 -12.09 -20.25 8.58
N TYR A 71 -12.95 -19.25 8.48
CA TYR A 71 -14.01 -19.22 7.49
C TYR A 71 -13.73 -18.13 6.47
N ALA A 72 -13.70 -18.50 5.19
CA ALA A 72 -13.48 -17.54 4.11
C ALA A 72 -14.61 -17.69 3.12
N GLY A 73 -15.51 -16.72 3.09
CA GLY A 73 -16.68 -16.78 2.23
C GLY A 73 -17.48 -18.06 2.40
N GLY A 74 -17.80 -18.39 3.66
CA GLY A 74 -18.56 -19.60 3.93
C GLY A 74 -17.80 -20.89 3.73
N HIS A 75 -16.55 -20.84 3.30
CA HIS A 75 -15.70 -22.03 3.20
C HIS A 75 -15.00 -22.24 4.54
N ALA A 76 -15.27 -23.37 5.19
CA ALA A 76 -14.67 -23.68 6.48
C ALA A 76 -13.31 -24.34 6.25
N VAL A 77 -12.25 -23.75 6.80
CA VAL A 77 -10.90 -24.31 6.71
C VAL A 77 -10.53 -24.80 8.10
N LYS A 78 -10.36 -26.11 8.24
CA LYS A 78 -10.01 -26.69 9.54
C LYS A 78 -8.58 -26.31 9.93
N CYS A 79 -8.37 -26.02 11.22
CA CYS A 79 -7.09 -25.56 11.72
C CYS A 79 -6.58 -26.45 12.84
N VAL A 80 -5.26 -26.66 12.85
CA VAL A 80 -4.56 -27.40 13.90
C VAL A 80 -3.27 -26.64 14.20
N SER A 81 -2.62 -27.00 15.31
CA SER A 81 -1.40 -26.28 15.69
C SER A 81 -0.44 -27.28 16.35
N ASP A 82 0.45 -27.84 15.53
CA ASP A 82 1.45 -28.78 16.00
C ASP A 82 2.72 -28.56 15.19
N ARG A 83 3.83 -28.25 15.87
CA ARG A 83 5.07 -27.98 15.15
C ARG A 83 5.68 -29.22 14.50
N ASN A 84 5.27 -30.43 14.93
CA ASN A 84 5.81 -31.66 14.37
C ASN A 84 4.88 -32.18 13.28
N PRO A 85 5.27 -32.13 12.01
CA PRO A 85 4.34 -32.57 10.94
C PRO A 85 3.93 -34.02 11.05
N GLU A 86 4.75 -34.86 11.67
CA GLU A 86 4.36 -36.26 11.84
C GLU A 86 3.04 -36.42 12.58
N ASN A 87 2.65 -35.44 13.39
CA ASN A 87 1.45 -35.55 14.21
C ASN A 87 0.20 -35.03 13.51
N LEU A 88 0.31 -34.49 12.30
CA LEU A 88 -0.80 -33.74 11.74
C LEU A 88 -1.89 -34.68 11.20
N PRO A 89 -3.14 -34.20 11.18
CA PRO A 89 -4.28 -35.09 10.87
C PRO A 89 -4.51 -35.25 9.38
N TRP A 90 -3.44 -35.43 8.62
CA TRP A 90 -3.58 -35.43 7.17
C TRP A 90 -4.40 -36.62 6.67
N SER A 91 -4.23 -37.79 7.28
CA SER A 91 -5.05 -38.94 6.91
C SER A 91 -6.52 -38.68 7.16
N ALA A 92 -6.86 -38.23 8.37
CA ALA A 92 -8.26 -38.01 8.73
C ALA A 92 -8.90 -36.95 7.86
N TRP A 93 -8.16 -35.90 7.53
CA TRP A 93 -8.67 -34.83 6.68
C TRP A 93 -8.56 -35.13 5.20
N GLY A 94 -8.05 -36.30 4.84
CA GLY A 94 -7.92 -36.66 3.43
C GLY A 94 -7.09 -35.68 2.63
N ILE A 95 -5.98 -35.21 3.19
CA ILE A 95 -5.14 -34.23 2.52
C ILE A 95 -4.35 -34.90 1.39
N ASP A 96 -4.50 -34.37 0.17
CA ASP A 96 -3.72 -34.80 -0.98
C ASP A 96 -2.38 -34.08 -1.07
N LEU A 97 -2.41 -32.76 -0.93
CA LEU A 97 -1.26 -31.91 -1.19
C LEU A 97 -1.05 -30.96 -0.03
N VAL A 98 0.18 -30.96 0.52
CA VAL A 98 0.59 -29.98 1.52
C VAL A 98 1.41 -28.89 0.84
N ILE A 99 1.06 -27.63 1.10
CA ILE A 99 1.88 -26.48 0.75
C ILE A 99 2.77 -26.22 1.96
N GLU A 100 4.06 -26.50 1.82
CA GLU A 100 5.01 -26.48 2.94
C GLU A 100 5.65 -25.10 2.95
N ALA A 101 5.12 -24.21 3.79
CA ALA A 101 5.46 -22.80 3.79
C ALA A 101 6.02 -22.36 5.13
N THR A 102 6.58 -23.27 5.91
CA THR A 102 7.15 -22.92 7.22
C THR A 102 8.58 -22.44 7.12
N GLY A 103 9.29 -22.83 6.07
CA GLY A 103 10.70 -22.56 6.00
C GLY A 103 11.60 -23.54 6.70
N VAL A 104 11.05 -24.57 7.37
CA VAL A 104 11.90 -25.44 8.18
C VAL A 104 11.76 -26.92 7.82
N PHE A 105 11.03 -27.24 6.76
CA PHE A 105 10.92 -28.63 6.30
C PHE A 105 11.24 -28.70 4.80
N THR A 106 12.43 -28.22 4.45
CA THR A 106 12.81 -28.12 3.05
C THR A 106 13.65 -29.29 2.56
N SER A 107 14.08 -30.18 3.45
CA SER A 107 14.79 -31.40 3.08
C SER A 107 13.78 -32.52 2.85
N ARG A 108 14.21 -33.59 2.18
CA ARG A 108 13.29 -34.72 2.02
C ARG A 108 12.90 -35.31 3.37
N GLU A 109 13.86 -35.41 4.29
CA GLU A 109 13.54 -35.97 5.60
C GLU A 109 12.49 -35.12 6.32
N GLY A 110 12.62 -33.80 6.22
CA GLY A 110 11.63 -32.94 6.86
C GLY A 110 10.29 -32.98 6.17
N ALA A 111 10.28 -32.72 4.86
CA ALA A 111 9.00 -32.68 4.14
C ALA A 111 8.30 -34.03 4.15
N SER A 112 9.06 -35.13 4.21
CA SER A 112 8.46 -36.46 4.22
C SER A 112 7.64 -36.73 5.48
N LYS A 113 7.84 -35.96 6.54
CA LYS A 113 6.99 -36.13 7.72
C LYS A 113 5.51 -35.91 7.37
N HIS A 114 5.22 -35.05 6.40
CA HIS A 114 3.84 -34.88 5.94
C HIS A 114 3.31 -36.15 5.29
N LEU A 115 4.16 -36.85 4.55
CA LEU A 115 3.72 -38.09 3.93
C LEU A 115 3.46 -39.16 4.99
N SER A 116 4.34 -39.23 6.00
CA SER A 116 4.10 -40.15 7.12
C SER A 116 2.75 -39.87 7.78
N ALA A 117 2.39 -38.59 7.89
CA ALA A 117 1.14 -38.18 8.53
C ALA A 117 -0.07 -38.43 7.64
N GLY A 118 0.12 -38.73 6.37
CA GLY A 118 -0.97 -39.17 5.52
C GLY A 118 -1.18 -38.36 4.26
N ALA A 119 -0.43 -37.28 4.05
CA ALA A 119 -0.54 -36.53 2.80
C ALA A 119 0.10 -37.33 1.67
N LYS A 120 -0.35 -37.05 0.44
CA LYS A 120 0.19 -37.78 -0.70
C LYS A 120 1.38 -37.06 -1.35
N LYS A 121 1.39 -35.73 -1.34
CA LYS A 121 2.47 -34.97 -1.94
C LYS A 121 2.73 -33.71 -1.13
N VAL A 122 3.93 -33.15 -1.30
CA VAL A 122 4.32 -31.91 -0.64
C VAL A 122 4.93 -30.97 -1.67
N LEU A 123 4.49 -29.72 -1.67
CA LEU A 123 5.05 -28.65 -2.50
C LEU A 123 5.73 -27.68 -1.55
N ILE A 124 7.06 -27.64 -1.60
CA ILE A 124 7.85 -26.76 -0.73
C ILE A 124 7.94 -25.39 -1.37
N THR A 125 7.55 -24.35 -0.60
CA THR A 125 7.57 -22.97 -1.13
C THR A 125 8.93 -22.32 -0.97
N ALA A 126 9.97 -23.02 -1.41
CA ALA A 126 11.35 -22.59 -1.25
C ALA A 126 12.23 -23.59 -1.97
N PRO A 127 13.47 -23.23 -2.26
CA PRO A 127 14.42 -24.24 -2.75
C PRO A 127 14.46 -25.43 -1.80
N GLY A 128 14.54 -26.62 -2.38
CA GLY A 128 14.72 -27.80 -1.57
C GLY A 128 16.13 -27.93 -1.05
N LYS A 129 16.26 -28.69 0.02
CA LYS A 129 17.57 -29.12 0.50
C LYS A 129 17.77 -30.55 0.04
N GLY A 130 18.83 -30.81 -0.72
CA GLY A 130 19.06 -32.13 -1.26
C GLY A 130 18.36 -32.39 -2.58
N ASN A 131 18.06 -33.65 -2.85
CA ASN A 131 17.57 -34.07 -4.17
C ASN A 131 16.05 -33.95 -4.23
N ILE A 132 15.59 -32.70 -4.31
CA ILE A 132 14.17 -32.40 -4.43
C ILE A 132 13.91 -31.84 -5.82
N PRO A 133 13.07 -32.48 -6.63
CA PRO A 133 12.74 -31.93 -7.95
C PRO A 133 12.24 -30.51 -7.83
N THR A 134 12.84 -29.61 -8.62
CA THR A 134 12.60 -28.19 -8.54
C THR A 134 12.01 -27.67 -9.83
N TYR A 135 10.98 -26.83 -9.72
CA TYR A 135 10.24 -26.36 -10.87
C TYR A 135 10.07 -24.85 -10.82
N VAL A 136 10.11 -24.24 -11.99
CA VAL A 136 9.76 -22.84 -12.18
C VAL A 136 8.74 -22.81 -13.31
N VAL A 137 7.52 -22.39 -12.99
CA VAL A 137 6.46 -22.34 -13.98
C VAL A 137 6.89 -21.41 -15.11
N GLY A 138 6.71 -21.86 -16.35
CA GLY A 138 7.18 -21.11 -17.49
C GLY A 138 8.57 -21.47 -17.96
N VAL A 139 9.34 -22.18 -17.14
CA VAL A 139 10.70 -22.60 -17.48
C VAL A 139 10.77 -24.12 -17.65
N ASN A 140 10.38 -24.88 -16.62
CA ASN A 140 10.46 -26.33 -16.73
C ASN A 140 9.29 -27.05 -16.08
N HIS A 141 8.18 -26.37 -15.78
CA HIS A 141 7.13 -27.08 -15.06
C HIS A 141 6.47 -28.15 -15.92
N HIS A 142 6.56 -28.05 -17.25
CA HIS A 142 6.02 -29.12 -18.09
C HIS A 142 6.82 -30.40 -17.97
N THR A 143 8.03 -30.37 -17.38
CA THR A 143 8.79 -31.59 -17.14
C THR A 143 8.33 -32.33 -15.89
N TYR A 144 7.34 -31.79 -15.17
CA TYR A 144 6.83 -32.40 -13.95
C TYR A 144 6.59 -33.90 -14.14
N ASP A 145 7.15 -34.68 -13.21
CA ASP A 145 6.97 -36.12 -13.22
C ASP A 145 5.86 -36.46 -12.23
N PRO A 146 4.74 -37.02 -12.69
CA PRO A 146 3.58 -37.18 -11.80
C PRO A 146 3.82 -38.17 -10.67
N SER A 147 4.92 -38.94 -10.72
CA SER A 147 5.22 -39.86 -9.63
C SER A 147 5.97 -39.20 -8.48
N GLU A 148 6.41 -37.96 -8.63
CA GLU A 148 7.13 -37.30 -7.55
C GLU A 148 6.21 -36.99 -6.39
N ASP A 149 6.70 -37.22 -5.16
CA ASP A 149 5.88 -36.94 -3.98
C ASP A 149 6.29 -35.67 -3.25
N ILE A 150 7.49 -35.14 -3.51
CA ILE A 150 7.96 -33.90 -2.90
C ILE A 150 8.61 -33.07 -3.98
N VAL A 151 8.16 -31.83 -4.13
CA VAL A 151 8.70 -30.92 -5.13
C VAL A 151 8.95 -29.57 -4.48
N SER A 152 9.73 -28.75 -5.18
CA SER A 152 10.09 -27.41 -4.77
C SER A 152 9.67 -26.43 -5.85
N ASN A 153 9.15 -25.27 -5.45
CA ASN A 153 8.86 -24.18 -6.39
C ASN A 153 10.00 -23.17 -6.44
N ALA A 154 11.18 -23.55 -5.95
CA ALA A 154 12.34 -22.64 -5.90
C ALA A 154 12.04 -21.40 -5.07
N SER A 155 12.73 -20.30 -5.35
CA SER A 155 12.60 -19.08 -4.58
C SER A 155 12.01 -17.98 -5.44
N CYS A 156 11.67 -16.86 -4.79
CA CYS A 156 11.17 -15.71 -5.51
C CYS A 156 12.18 -15.23 -6.56
N THR A 157 13.45 -15.06 -6.16
CA THR A 157 14.45 -14.59 -7.13
C THR A 157 14.64 -15.57 -8.27
N THR A 158 14.61 -16.88 -7.98
CA THR A 158 14.74 -17.87 -9.05
C THR A 158 13.60 -17.74 -10.04
N ASN A 159 12.39 -17.52 -9.55
CA ASN A 159 11.25 -17.39 -10.44
C ASN A 159 11.31 -16.11 -11.27
N CYS A 160 11.92 -15.05 -10.73
CA CYS A 160 12.12 -13.85 -11.54
C CYS A 160 13.21 -14.07 -12.58
N LEU A 161 14.34 -14.61 -12.14
CA LEU A 161 15.52 -14.62 -13.02
C LEU A 161 15.47 -15.74 -14.05
N ALA A 162 15.00 -16.94 -13.68
CA ALA A 162 15.11 -18.06 -14.60
C ALA A 162 14.35 -17.85 -15.92
N PRO A 163 13.15 -17.27 -15.95
CA PRO A 163 12.51 -17.03 -17.25
C PRO A 163 13.31 -16.13 -18.15
N ILE A 164 13.89 -15.05 -17.59
CA ILE A 164 14.72 -14.15 -18.38
C ILE A 164 15.98 -14.86 -18.85
N VAL A 165 16.62 -15.64 -17.97
CA VAL A 165 17.82 -16.40 -18.35
C VAL A 165 17.49 -17.38 -19.47
N LYS A 166 16.33 -18.04 -19.39
CA LYS A 166 15.96 -18.98 -20.44
C LYS A 166 15.85 -18.29 -21.78
N VAL A 167 15.21 -17.12 -21.82
CA VAL A 167 15.03 -16.40 -23.07
C VAL A 167 16.36 -15.93 -23.62
N LEU A 168 17.20 -15.36 -22.74
CA LEU A 168 18.50 -14.87 -23.17
C LEU A 168 19.40 -16.01 -23.62
N HIS A 169 19.37 -17.13 -22.91
CA HIS A 169 20.22 -18.26 -23.29
C HIS A 169 19.84 -18.80 -24.66
N GLU A 170 18.53 -18.94 -24.91
CA GLU A 170 18.11 -19.49 -26.19
C GLU A 170 18.40 -18.54 -27.34
N ALA A 171 18.38 -17.22 -27.08
CA ALA A 171 18.60 -16.25 -28.14
C ALA A 171 20.09 -15.99 -28.38
N PHE A 172 20.89 -15.92 -27.31
CA PHE A 172 22.27 -15.47 -27.41
C PHE A 172 23.30 -16.43 -26.87
N GLY A 173 22.92 -17.45 -26.11
CA GLY A 173 23.90 -18.34 -25.51
C GLY A 173 24.57 -17.73 -24.30
N ILE A 174 24.07 -18.03 -23.10
CA ILE A 174 24.71 -17.55 -21.88
C ILE A 174 25.90 -18.44 -21.57
N GLN A 175 27.09 -17.84 -21.54
CA GLN A 175 28.31 -18.53 -21.15
C GLN A 175 28.56 -18.44 -19.66
N GLN A 176 28.31 -17.26 -19.07
CA GLN A 176 28.42 -17.03 -17.63
C GLN A 176 27.46 -15.92 -17.28
N GLY A 177 27.06 -15.87 -16.00
CA GLY A 177 26.23 -14.74 -15.58
C GLY A 177 26.32 -14.48 -14.10
N MET A 178 26.34 -13.19 -13.74
CA MET A 178 26.34 -12.74 -12.35
C MET A 178 24.99 -12.11 -12.02
N MET A 179 24.51 -12.32 -10.80
CA MET A 179 23.24 -11.73 -10.37
C MET A 179 23.41 -11.02 -9.04
N THR A 180 22.70 -9.89 -8.88
CA THR A 180 22.50 -9.28 -7.58
C THR A 180 21.04 -8.92 -7.46
N THR A 181 20.35 -9.45 -6.46
CA THR A 181 19.00 -8.98 -6.20
C THR A 181 19.00 -7.95 -5.08
N THR A 182 18.51 -6.75 -5.39
CA THR A 182 18.22 -5.74 -4.38
C THR A 182 16.80 -6.02 -3.91
N HIS A 183 16.69 -6.59 -2.72
CA HIS A 183 15.56 -7.41 -2.32
C HIS A 183 14.93 -6.82 -1.06
N SER A 184 13.59 -6.78 -1.01
CA SER A 184 12.91 -6.39 0.22
C SER A 184 13.31 -7.31 1.37
N TYR A 185 13.26 -6.78 2.60
CA TYR A 185 13.51 -7.69 3.71
C TYR A 185 12.38 -8.71 3.84
N THR A 186 12.69 -9.83 4.50
CA THR A 186 11.72 -10.88 4.77
C THR A 186 11.77 -11.24 6.25
N GLY A 187 10.84 -12.10 6.65
CA GLY A 187 10.73 -12.46 8.07
C GLY A 187 11.90 -13.25 8.61
N ASP A 188 12.76 -13.76 7.72
CA ASP A 188 13.98 -14.43 8.17
C ASP A 188 14.99 -13.45 8.76
N GLN A 189 14.89 -12.17 8.45
CA GLN A 189 15.77 -11.15 9.00
C GLN A 189 15.23 -10.65 10.34
N ARG A 190 16.09 -9.93 11.08
CA ARG A 190 15.77 -9.47 12.42
C ARG A 190 15.35 -8.00 12.40
N LEU A 191 14.30 -7.68 13.17
CA LEU A 191 13.84 -6.30 13.25
C LEU A 191 14.89 -5.41 13.92
N LEU A 192 15.49 -5.88 15.00
CA LEU A 192 16.64 -5.22 15.61
C LEU A 192 17.74 -6.26 15.76
N ASP A 193 18.99 -5.79 15.88
CA ASP A 193 20.13 -6.69 15.90
C ASP A 193 19.86 -7.85 16.85
N ALA A 194 19.93 -9.08 16.35
CA ALA A 194 19.65 -10.25 17.18
C ALA A 194 20.32 -11.46 16.55
N SER A 195 20.53 -12.50 17.37
CA SER A 195 21.29 -13.65 16.89
C SER A 195 20.61 -14.30 15.68
N HIS A 196 21.44 -14.79 14.77
CA HIS A 196 21.03 -15.38 13.51
C HIS A 196 22.19 -16.23 13.03
N ARG A 197 21.87 -17.35 12.36
CA ARG A 197 22.95 -18.14 11.78
C ARG A 197 23.75 -17.34 10.76
N ASP A 198 23.12 -16.33 10.15
CA ASP A 198 23.74 -15.48 9.14
C ASP A 198 24.02 -14.14 9.82
N LEU A 199 25.30 -13.83 10.02
CA LEU A 199 25.65 -12.68 10.86
C LEU A 199 25.20 -11.35 10.28
N ARG A 200 24.90 -11.31 8.99
CA ARG A 200 24.37 -10.08 8.41
C ARG A 200 22.85 -10.02 8.49
N ARG A 201 22.17 -11.17 8.28
CA ARG A 201 20.72 -11.18 8.49
C ARG A 201 20.36 -10.95 9.95
N ALA A 202 21.33 -11.10 10.84
CA ALA A 202 21.15 -10.74 12.24
C ALA A 202 20.86 -9.26 12.46
N ARG A 203 21.15 -8.41 11.47
CA ARG A 203 21.23 -6.97 11.71
C ARG A 203 19.93 -6.26 11.33
N ALA A 204 19.56 -5.28 12.16
CA ALA A 204 18.31 -4.52 12.04
C ALA A 204 17.89 -4.31 10.59
N ALA A 205 16.82 -4.98 10.17
CA ALA A 205 16.54 -5.09 8.73
C ALA A 205 16.02 -3.80 8.12
N ALA A 206 15.29 -2.98 8.86
CA ALA A 206 14.70 -1.78 8.27
C ALA A 206 15.64 -0.60 8.34
N MET A 207 16.86 -0.80 8.83
N MET A 207 16.87 -0.76 8.84
CA MET A 207 17.83 0.28 8.96
CA MET A 207 17.80 0.35 8.84
C MET A 207 19.14 -0.01 8.23
C MET A 207 19.14 0.00 8.19
N ASN A 208 19.21 -1.09 7.44
CA ASN A 208 20.46 -1.53 6.85
C ASN A 208 20.27 -2.07 5.44
N ILE A 209 21.31 -1.85 4.61
CA ILE A 209 21.57 -2.67 3.43
C ILE A 209 22.35 -3.89 3.89
N VAL A 210 21.84 -5.07 3.57
CA VAL A 210 22.33 -6.31 4.19
C VAL A 210 22.71 -7.31 3.11
N PRO A 211 24.00 -7.50 2.80
CA PRO A 211 24.37 -8.55 1.86
C PRO A 211 24.07 -9.93 2.43
N THR A 212 23.59 -10.83 1.57
CA THR A 212 23.36 -12.21 1.99
C THR A 212 23.25 -13.09 0.75
N SER A 213 22.89 -14.35 0.96
CA SER A 213 22.73 -15.30 -0.14
C SER A 213 21.42 -15.07 -0.87
N THR A 214 21.39 -15.49 -2.15
CA THR A 214 20.14 -15.62 -2.89
C THR A 214 20.02 -17.06 -3.37
N GLY A 215 18.83 -17.65 -3.15
CA GLY A 215 18.59 -18.99 -3.62
C GLY A 215 18.75 -19.15 -5.12
N ALA A 216 18.60 -18.05 -5.87
CA ALA A 216 18.69 -18.16 -7.32
C ALA A 216 20.11 -18.45 -7.80
N ALA A 217 21.12 -18.17 -6.98
CA ALA A 217 22.48 -18.42 -7.42
C ALA A 217 22.66 -19.88 -7.82
N LYS A 218 22.05 -20.78 -7.07
CA LYS A 218 22.11 -22.20 -7.44
C LYS A 218 20.87 -22.69 -8.16
N ALA A 219 19.69 -22.15 -7.85
CA ALA A 219 18.46 -22.77 -8.34
C ALA A 219 18.23 -22.54 -9.82
N VAL A 220 18.72 -21.45 -10.41
CA VAL A 220 18.49 -21.25 -11.84
C VAL A 220 19.12 -22.39 -12.62
N GLY A 221 20.30 -22.85 -12.18
CA GLY A 221 20.94 -23.97 -12.82
C GLY A 221 20.20 -25.28 -12.63
N LEU A 222 19.30 -25.37 -11.64
CA LEU A 222 18.52 -26.60 -11.49
C LEU A 222 17.39 -26.69 -12.50
N VAL A 223 16.76 -25.54 -12.81
CA VAL A 223 15.64 -25.57 -13.75
C VAL A 223 16.08 -25.34 -15.18
N ILE A 224 17.31 -24.87 -15.40
CA ILE A 224 17.93 -24.80 -16.72
C ILE A 224 19.24 -25.57 -16.63
N PRO A 225 19.20 -26.90 -16.74
CA PRO A 225 20.38 -27.71 -16.42
C PRO A 225 21.63 -27.34 -17.21
N GLU A 226 21.49 -26.94 -18.48
CA GLU A 226 22.60 -26.48 -19.30
C GLU A 226 23.49 -25.44 -18.58
N LEU A 227 22.92 -24.67 -17.67
CA LEU A 227 23.61 -23.54 -17.06
C LEU A 227 24.14 -23.85 -15.67
N GLN A 228 24.07 -25.11 -15.24
CA GLN A 228 24.60 -25.47 -13.94
C GLN A 228 26.08 -25.07 -13.84
N GLY A 229 26.42 -24.38 -12.77
CA GLY A 229 27.78 -23.93 -12.52
C GLY A 229 28.19 -22.70 -13.29
N LYS A 230 27.32 -22.15 -14.13
CA LYS A 230 27.68 -21.01 -14.96
C LYS A 230 27.18 -19.69 -14.41
N LEU A 231 26.37 -19.70 -13.35
CA LEU A 231 25.84 -18.47 -12.76
C LEU A 231 26.24 -18.39 -11.30
N ASN A 232 26.29 -17.15 -10.78
CA ASN A 232 26.51 -16.94 -9.35
C ASN A 232 25.97 -15.57 -8.99
N GLY A 233 25.81 -15.31 -7.69
CA GLY A 233 25.39 -13.98 -7.30
C GLY A 233 25.04 -13.90 -5.82
N ILE A 234 24.50 -12.73 -5.45
CA ILE A 234 24.22 -12.39 -4.06
C ILE A 234 22.90 -11.64 -3.98
N ALA A 235 22.45 -11.41 -2.74
CA ALA A 235 21.34 -10.54 -2.45
C ALA A 235 21.82 -9.36 -1.63
N LEU A 236 21.19 -8.22 -1.83
CA LEU A 236 21.33 -7.06 -0.94
C LEU A 236 19.93 -6.78 -0.40
N ARG A 237 19.69 -7.14 0.86
CA ARG A 237 18.38 -6.90 1.47
C ARG A 237 18.30 -5.45 1.89
N VAL A 238 17.21 -4.77 1.54
CA VAL A 238 17.12 -3.33 1.81
C VAL A 238 15.80 -3.00 2.50
N PRO A 239 15.65 -1.80 3.08
CA PRO A 239 14.48 -1.52 3.95
C PRO A 239 13.19 -1.19 3.21
N THR A 240 12.76 -2.09 2.34
CA THR A 240 11.39 -2.10 1.84
C THR A 240 10.75 -3.43 2.23
N PRO A 241 9.44 -3.45 2.52
CA PRO A 241 8.80 -4.66 3.04
C PRO A 241 8.33 -5.67 1.98
N ASN A 242 8.31 -5.27 0.71
CA ASN A 242 7.93 -6.17 -0.37
C ASN A 242 8.26 -5.52 -1.69
N VAL A 243 8.51 -6.38 -2.67
CA VAL A 243 8.89 -6.10 -4.06
C VAL A 243 10.40 -5.99 -4.14
N SER A 244 10.99 -6.66 -5.14
CA SER A 244 12.42 -6.81 -5.24
C SER A 244 12.83 -6.63 -6.70
N VAL A 245 14.11 -6.50 -6.94
CA VAL A 245 14.56 -6.28 -8.32
C VAL A 245 15.89 -6.99 -8.51
N VAL A 246 16.00 -7.77 -9.57
CA VAL A 246 17.25 -8.48 -9.84
C VAL A 246 17.99 -7.83 -10.99
N ASP A 247 19.30 -7.72 -10.81
CA ASP A 247 20.24 -7.17 -11.77
C ASP A 247 21.07 -8.34 -12.28
N PHE A 248 21.02 -8.60 -13.58
CA PHE A 248 21.70 -9.77 -14.15
C PHE A 248 22.65 -9.29 -15.24
N VAL A 249 23.94 -9.64 -15.10
CA VAL A 249 24.96 -9.29 -16.08
C VAL A 249 25.49 -10.59 -16.66
N ALA A 250 25.28 -10.77 -17.96
CA ALA A 250 25.62 -12.03 -18.62
C ALA A 250 26.71 -11.83 -19.64
N GLN A 251 27.56 -12.84 -19.75
CA GLN A 251 28.50 -12.99 -20.85
C GLN A 251 27.86 -13.94 -21.87
N VAL A 252 27.59 -13.43 -23.06
CA VAL A 252 26.86 -14.20 -24.07
C VAL A 252 27.75 -14.50 -25.27
N GLU A 253 27.42 -15.60 -25.95
CA GLU A 253 28.20 -16.02 -27.11
C GLU A 253 27.90 -15.18 -28.33
N LYS A 254 26.64 -14.92 -28.62
CA LYS A 254 26.26 -14.18 -29.83
C LYS A 254 26.25 -12.68 -29.52
N PRO A 255 27.07 -11.88 -30.20
CA PRO A 255 27.10 -10.45 -29.86
C PRO A 255 25.77 -9.77 -30.21
N THR A 256 25.39 -8.80 -29.39
CA THR A 256 24.08 -8.18 -29.55
C THR A 256 24.19 -6.73 -29.09
N ILE A 257 23.05 -6.05 -29.03
CA ILE A 257 22.96 -4.68 -28.54
C ILE A 257 21.68 -4.56 -27.74
N ALA A 258 21.56 -3.47 -26.97
CA ALA A 258 20.46 -3.39 -26.02
C ALA A 258 19.10 -3.49 -26.72
N GLU A 259 18.98 -2.88 -27.90
CA GLU A 259 17.70 -2.88 -28.61
C GLU A 259 17.27 -4.30 -28.96
N GLN A 260 18.22 -5.14 -29.36
CA GLN A 260 17.90 -6.51 -29.74
C GLN A 260 17.58 -7.36 -28.51
N VAL A 261 18.30 -7.15 -27.42
CA VAL A 261 17.98 -7.84 -26.18
C VAL A 261 16.55 -7.55 -25.78
N ASN A 262 16.16 -6.28 -25.81
CA ASN A 262 14.79 -5.94 -25.42
C ASN A 262 13.77 -6.53 -26.39
N GLN A 263 14.05 -6.47 -27.69
CA GLN A 263 13.13 -7.04 -28.66
C GLN A 263 12.92 -8.53 -28.41
N VAL A 264 14.00 -9.25 -28.11
CA VAL A 264 13.88 -10.69 -27.86
C VAL A 264 13.03 -10.97 -26.63
N ILE A 265 13.24 -10.21 -25.55
CA ILE A 265 12.45 -10.47 -24.35
C ILE A 265 11.01 -10.03 -24.54
N LYS A 266 10.80 -8.90 -25.24
CA LYS A 266 9.44 -8.47 -25.52
C LYS A 266 8.66 -9.53 -26.29
N GLU A 267 9.29 -10.09 -27.34
CA GLU A 267 8.62 -11.12 -28.13
C GLU A 267 8.30 -12.34 -27.27
N ALA A 268 9.23 -12.76 -26.42
CA ALA A 268 8.93 -13.87 -25.54
C ALA A 268 7.76 -13.53 -24.63
N SER A 269 7.72 -12.32 -24.09
CA SER A 269 6.65 -11.94 -23.17
C SER A 269 5.29 -11.94 -23.86
N GLU A 270 5.26 -11.81 -25.18
CA GLU A 270 4.01 -11.85 -25.91
C GLU A 270 3.63 -13.26 -26.38
N THR A 271 4.55 -14.21 -26.27
CA THR A 271 4.31 -15.55 -26.79
C THR A 271 4.61 -16.62 -25.74
N THR A 272 5.80 -17.22 -25.80
CA THR A 272 6.06 -18.40 -24.97
C THR A 272 6.13 -18.08 -23.49
N MET A 273 6.41 -16.84 -23.13
CA MET A 273 6.50 -16.41 -21.73
C MET A 273 5.34 -15.50 -21.34
N LYS A 274 4.24 -15.52 -22.10
CA LYS A 274 3.10 -14.69 -21.76
C LYS A 274 2.56 -15.05 -20.39
N GLY A 275 2.39 -14.04 -19.53
CA GLY A 275 1.94 -14.25 -18.18
C GLY A 275 3.04 -14.55 -17.19
N ILE A 276 4.26 -14.85 -17.67
CA ILE A 276 5.42 -15.11 -16.82
C ILE A 276 6.37 -13.94 -16.81
N ILE A 277 6.76 -13.45 -17.99
CA ILE A 277 7.53 -12.22 -18.13
C ILE A 277 6.60 -11.13 -18.64
N HIS A 278 6.60 -9.99 -17.97
CA HIS A 278 5.98 -8.79 -18.51
C HIS A 278 7.06 -7.83 -18.98
N TYR A 279 6.81 -7.16 -20.12
CA TYR A 279 7.77 -6.23 -20.70
C TYR A 279 7.29 -4.80 -20.44
N SER A 280 8.12 -4.00 -19.81
CA SER A 280 7.71 -2.64 -19.47
C SER A 280 8.73 -1.63 -19.93
N GLU A 281 8.26 -0.56 -20.57
CA GLU A 281 9.10 0.59 -20.88
C GLU A 281 8.76 1.79 -20.01
N LEU A 282 7.99 1.58 -18.95
CA LEU A 282 7.55 2.66 -18.08
C LEU A 282 8.58 2.95 -17.00
N GLU A 283 8.62 4.20 -16.55
CA GLU A 283 9.60 4.62 -15.54
C GLU A 283 8.96 4.53 -14.15
N LEU A 284 8.91 3.31 -13.63
CA LEU A 284 8.21 3.01 -12.39
C LEU A 284 9.21 2.65 -11.29
N VAL A 285 8.67 2.53 -10.08
CA VAL A 285 9.45 2.21 -8.90
C VAL A 285 8.79 1.04 -8.19
N SER A 286 9.43 0.57 -7.12
CA SER A 286 9.01 -0.72 -6.55
C SER A 286 7.54 -0.73 -6.12
N SER A 287 7.04 0.37 -5.52
CA SER A 287 5.65 0.37 -5.07
C SER A 287 4.69 0.06 -6.20
N ASP A 288 5.04 0.44 -7.43
CA ASP A 288 4.13 0.26 -8.55
C ASP A 288 3.94 -1.21 -8.92
N TYR A 289 4.84 -2.09 -8.48
CA TYR A 289 4.75 -3.51 -8.83
C TYR A 289 4.13 -4.36 -7.72
N ARG A 290 3.66 -3.73 -6.64
CA ARG A 290 2.86 -4.46 -5.66
C ARG A 290 1.67 -5.13 -6.34
N GLY A 291 1.57 -6.44 -6.15
CA GLY A 291 0.44 -7.17 -6.69
C GLY A 291 0.59 -7.60 -8.13
N HIS A 292 1.75 -7.35 -8.75
CA HIS A 292 1.88 -7.76 -10.13
C HIS A 292 1.92 -9.28 -10.22
N ASN A 293 1.21 -9.82 -11.21
CA ASN A 293 1.09 -11.27 -11.32
C ASN A 293 2.23 -11.91 -12.10
N ALA A 294 3.08 -11.15 -12.78
CA ALA A 294 4.14 -11.78 -13.54
C ALA A 294 5.26 -12.26 -12.61
N SER A 295 5.95 -13.31 -13.04
CA SER A 295 7.14 -13.72 -12.31
C SER A 295 8.25 -12.70 -12.44
N SER A 296 8.30 -12.00 -13.58
N SER A 296 8.26 -11.94 -13.54
CA SER A 296 9.39 -11.11 -13.92
CA SER A 296 9.42 -11.11 -13.86
C SER A 296 8.81 -9.93 -14.70
C SER A 296 8.98 -9.97 -14.76
N ILE A 297 9.20 -8.73 -14.34
CA ILE A 297 8.89 -7.55 -15.14
C ILE A 297 10.21 -6.93 -15.60
N LEU A 298 10.50 -7.08 -16.89
CA LEU A 298 11.73 -6.51 -17.45
C LEU A 298 11.59 -5.00 -17.51
N ASP A 299 12.53 -4.29 -16.88
CA ASP A 299 12.55 -2.84 -16.95
C ASP A 299 13.41 -2.47 -18.15
N ALA A 300 12.75 -2.33 -19.32
CA ALA A 300 13.46 -2.28 -20.58
C ALA A 300 14.36 -1.06 -20.68
N SER A 301 13.99 0.04 -20.01
CA SER A 301 14.79 1.25 -20.08
C SER A 301 16.18 1.05 -19.48
N LEU A 302 16.37 0.02 -18.67
CA LEU A 302 17.62 -0.21 -17.97
C LEU A 302 18.52 -1.21 -18.68
N THR A 303 18.06 -1.82 -19.79
CA THR A 303 18.90 -2.77 -20.49
C THR A 303 20.13 -2.08 -21.08
N MET A 304 21.29 -2.71 -20.90
CA MET A 304 22.55 -2.18 -21.42
C MET A 304 23.39 -3.31 -21.97
N VAL A 305 24.18 -3.02 -22.99
CA VAL A 305 25.13 -3.98 -23.54
C VAL A 305 26.45 -3.27 -23.81
N LEU A 306 27.56 -3.94 -23.50
CA LEU A 306 28.88 -3.41 -23.80
C LEU A 306 29.69 -4.42 -24.59
N GLY A 307 30.29 -3.96 -25.69
CA GLY A 307 31.18 -4.80 -26.44
C GLY A 307 30.54 -5.96 -27.13
N GLY A 308 29.21 -5.95 -27.27
CA GLY A 308 28.50 -7.05 -27.90
C GLY A 308 28.16 -8.19 -26.97
N ASN A 309 29.05 -8.55 -26.05
CA ASN A 309 28.90 -9.79 -25.30
C ASN A 309 28.57 -9.63 -23.83
N LEU A 310 28.56 -8.41 -23.30
CA LEU A 310 28.29 -8.17 -21.88
C LEU A 310 26.92 -7.51 -21.76
N VAL A 311 25.95 -8.26 -21.25
CA VAL A 311 24.53 -7.90 -21.28
C VAL A 311 24.04 -7.70 -19.86
N LYS A 312 23.40 -6.55 -19.60
CA LYS A 312 22.82 -6.23 -18.31
CA LYS A 312 22.81 -6.22 -18.31
C LYS A 312 21.31 -6.04 -18.49
N VAL A 313 20.53 -6.83 -17.74
CA VAL A 313 19.08 -6.69 -17.71
C VAL A 313 18.64 -6.57 -16.27
N VAL A 314 17.51 -5.90 -16.05
CA VAL A 314 16.99 -5.59 -14.72
C VAL A 314 15.51 -5.94 -14.68
N ALA A 315 15.10 -6.73 -13.69
CA ALA A 315 13.72 -7.21 -13.68
C ALA A 315 13.13 -7.14 -12.28
N TRP A 316 11.90 -6.65 -12.22
CA TRP A 316 11.14 -6.53 -10.98
C TRP A 316 10.38 -7.82 -10.68
N TYR A 317 10.03 -7.98 -9.39
CA TYR A 317 9.13 -9.06 -9.00
C TYR A 317 8.53 -8.78 -7.65
N ASP A 318 7.25 -9.10 -7.51
CA ASP A 318 6.62 -9.04 -6.20
C ASP A 318 6.93 -10.36 -5.52
N ASN A 319 7.87 -10.32 -4.57
CA ASN A 319 8.40 -11.58 -4.03
C ASN A 319 7.40 -12.32 -3.15
N GLU A 320 6.40 -11.62 -2.58
CA GLU A 320 5.34 -12.32 -1.86
C GLU A 320 4.24 -12.81 -2.81
N TRP A 321 3.63 -11.87 -3.53
CA TRP A 321 2.42 -12.17 -4.29
C TRP A 321 2.73 -12.87 -5.60
N GLY A 322 3.68 -12.35 -6.37
CA GLY A 322 4.01 -13.01 -7.62
C GLY A 322 4.45 -14.44 -7.39
N TYR A 323 5.33 -14.64 -6.40
CA TYR A 323 5.78 -15.99 -6.08
C TYR A 323 4.62 -16.88 -5.68
N SER A 324 3.70 -16.36 -4.85
CA SER A 324 2.57 -17.17 -4.41
C SER A 324 1.63 -17.52 -5.57
N GLN A 325 1.51 -16.62 -6.56
CA GLN A 325 0.76 -16.96 -7.75
C GLN A 325 1.39 -18.14 -8.46
N ARG A 326 2.73 -18.19 -8.47
CA ARG A 326 3.40 -19.32 -9.12
C ARG A 326 3.26 -20.60 -8.29
N VAL A 327 3.31 -20.48 -6.95
CA VAL A 327 3.00 -21.64 -6.11
C VAL A 327 1.63 -22.20 -6.49
N LEU A 328 0.64 -21.33 -6.60
CA LEU A 328 -0.69 -21.76 -6.99
C LEU A 328 -0.68 -22.37 -8.39
N ASP A 329 0.01 -21.73 -9.35
CA ASP A 329 0.12 -22.30 -10.69
C ASP A 329 0.74 -23.70 -10.65
N LEU A 330 1.80 -23.89 -9.85
CA LEU A 330 2.43 -25.20 -9.80
C LEU A 330 1.51 -26.23 -9.17
N ALA A 331 0.84 -25.86 -8.08
CA ALA A 331 -0.10 -26.77 -7.44
C ALA A 331 -1.23 -27.15 -8.39
N GLU A 332 -1.73 -26.19 -9.16
CA GLU A 332 -2.77 -26.50 -10.15
C GLU A 332 -2.23 -27.44 -11.23
N HIS A 333 -0.99 -27.24 -11.66
CA HIS A 333 -0.39 -28.13 -12.63
C HIS A 333 -0.31 -29.55 -12.08
N MET A 334 0.12 -29.69 -10.82
CA MET A 334 0.16 -31.01 -10.22
C MET A 334 -1.23 -31.63 -10.15
N ALA A 335 -2.23 -30.84 -9.77
CA ALA A 335 -3.59 -31.36 -9.67
C ALA A 335 -4.13 -31.81 -11.01
N ALA A 336 -3.70 -31.15 -12.10
CA ALA A 336 -4.08 -31.52 -13.45
C ALA A 336 -3.29 -32.70 -13.99
N HIS A 337 -2.21 -33.10 -13.31
CA HIS A 337 -1.38 -34.23 -13.73
C HIS A 337 -1.17 -35.17 -12.56
N TRP A 338 -2.27 -35.52 -11.90
CA TRP A 338 -2.21 -36.15 -10.59
C TRP A 338 -2.05 -37.66 -10.71
N ALA A 339 -1.09 -38.21 -9.97
CA ALA A 339 -0.93 -39.64 -9.83
C ALA A 339 -0.12 -39.98 -8.57
N SER B 2 -24.12 25.31 -15.63
CA SER B 2 -24.77 24.83 -14.42
C SER B 2 -23.77 24.14 -13.51
N MET B 3 -22.72 23.57 -14.11
CA MET B 3 -21.64 22.99 -13.32
C MET B 3 -20.74 24.09 -12.81
N VAL B 4 -20.19 23.87 -11.62
CA VAL B 4 -19.20 24.79 -11.05
C VAL B 4 -17.83 24.40 -11.60
N ARG B 5 -17.20 25.32 -12.32
CA ARG B 5 -15.90 25.04 -12.96
C ARG B 5 -14.78 25.23 -11.95
N VAL B 6 -13.97 24.19 -11.75
CA VAL B 6 -12.97 24.14 -10.70
C VAL B 6 -11.58 24.15 -11.31
N ALA B 7 -10.69 24.93 -10.71
CA ALA B 7 -9.26 24.83 -10.99
C ALA B 7 -8.54 24.43 -9.71
N ILE B 8 -7.55 23.55 -9.85
CA ILE B 8 -6.67 23.15 -8.75
C ILE B 8 -5.39 23.96 -8.87
N ASN B 9 -5.05 24.69 -7.81
CA ASN B 9 -3.76 25.38 -7.74
C ASN B 9 -2.85 24.58 -6.83
N GLY B 10 -1.82 23.97 -7.40
CA GLY B 10 -0.94 23.12 -6.63
C GLY B 10 -1.31 21.66 -6.74
N PHE B 11 -0.64 20.93 -7.63
CA PHE B 11 -1.01 19.56 -7.96
C PHE B 11 -0.15 18.58 -7.16
N GLY B 12 -0.20 18.73 -5.84
CA GLY B 12 0.61 17.97 -4.93
C GLY B 12 -0.14 16.79 -4.33
N ARG B 13 0.26 16.40 -3.12
CA ARG B 13 -0.42 15.27 -2.50
C ARG B 13 -1.91 15.55 -2.35
N ILE B 14 -2.27 16.72 -1.82
CA ILE B 14 -3.70 17.02 -1.65
C ILE B 14 -4.34 17.31 -3.00
N GLY B 15 -3.69 18.09 -3.85
CA GLY B 15 -4.28 18.36 -5.16
C GLY B 15 -4.58 17.10 -5.94
N ARG B 16 -3.65 16.15 -5.94
CA ARG B 16 -3.87 14.92 -6.70
C ARG B 16 -4.81 13.96 -5.98
N ASN B 17 -4.75 13.90 -4.64
CA ASN B 17 -5.75 13.10 -3.93
C ASN B 17 -7.14 13.65 -4.20
N PHE B 18 -7.28 14.98 -4.14
CA PHE B 18 -8.56 15.61 -4.44
C PHE B 18 -9.02 15.25 -5.85
N MET B 19 -8.11 15.30 -6.82
N MET B 19 -8.11 15.32 -6.82
CA MET B 19 -8.48 14.97 -8.20
CA MET B 19 -8.46 14.96 -8.19
C MET B 19 -8.93 13.51 -8.31
C MET B 19 -8.97 13.52 -8.25
N ARG B 20 -8.26 12.59 -7.62
CA ARG B 20 -8.70 11.20 -7.64
C ARG B 20 -10.02 11.01 -6.88
N CYS B 21 -10.25 11.77 -5.80
CA CYS B 21 -11.55 11.73 -5.14
C CYS B 21 -12.67 12.13 -6.09
N TRP B 22 -12.45 13.22 -6.82
CA TRP B 22 -13.49 13.71 -7.74
C TRP B 22 -13.70 12.73 -8.89
N LEU B 23 -12.61 12.16 -9.42
CA LEU B 23 -12.77 11.22 -10.52
C LEU B 23 -13.65 10.03 -10.12
N GLN B 24 -13.55 9.61 -8.87
CA GLN B 24 -14.35 8.48 -8.42
C GLN B 24 -15.78 8.87 -8.12
N ARG B 25 -16.03 10.14 -7.78
CA ARG B 25 -17.37 10.61 -7.46
C ARG B 25 -17.97 11.48 -8.56
N LYS B 26 -17.35 11.47 -9.75
CA LYS B 26 -17.71 12.43 -10.79
C LYS B 26 -19.17 12.32 -11.21
N ALA B 27 -19.76 11.12 -11.16
CA ALA B 27 -21.11 10.94 -11.66
C ALA B 27 -22.17 11.64 -10.81
N ASN B 28 -21.87 11.92 -9.54
CA ASN B 28 -22.81 12.58 -8.65
C ASN B 28 -22.26 13.91 -8.16
N SER B 29 -21.59 14.65 -9.05
CA SER B 29 -20.91 15.88 -8.69
C SER B 29 -21.58 17.08 -9.37
N LYS B 30 -21.59 18.22 -8.66
CA LYS B 30 -21.93 19.51 -9.24
C LYS B 30 -20.69 20.27 -9.68
N LEU B 31 -19.53 19.64 -9.60
CA LEU B 31 -18.24 20.24 -9.89
C LEU B 31 -17.66 19.63 -11.16
N GLU B 32 -16.95 20.45 -11.93
CA GLU B 32 -16.20 19.98 -13.07
C GLU B 32 -14.79 20.54 -12.96
N ILE B 33 -13.80 19.65 -12.83
CA ILE B 33 -12.42 20.12 -12.77
C ILE B 33 -11.96 20.40 -14.19
N VAL B 34 -11.65 21.67 -14.46
CA VAL B 34 -11.36 22.11 -15.83
C VAL B 34 -9.93 22.61 -15.98
N GLY B 35 -9.23 22.90 -14.90
CA GLY B 35 -7.90 23.48 -15.01
C GLY B 35 -6.99 23.08 -13.86
N ILE B 36 -5.70 23.07 -14.14
CA ILE B 36 -4.66 22.87 -13.14
C ILE B 36 -3.58 23.91 -13.36
N ASN B 37 -3.17 24.58 -12.29
CA ASN B 37 -1.93 25.34 -12.27
C ASN B 37 -0.96 24.65 -11.32
N ASP B 38 0.29 24.51 -11.75
CA ASP B 38 1.27 23.81 -10.95
C ASP B 38 2.66 24.22 -11.42
N THR B 39 3.66 23.92 -10.58
CA THR B 39 5.04 24.24 -10.94
C THR B 39 5.59 23.30 -12.02
N SER B 40 4.95 22.16 -12.25
CA SER B 40 5.41 21.18 -13.22
C SER B 40 4.48 21.17 -14.44
N ASP B 41 4.75 20.26 -15.37
CA ASP B 41 4.13 20.18 -16.69
C ASP B 41 3.10 19.06 -16.74
N PRO B 42 2.21 19.08 -17.75
CA PRO B 42 1.13 18.07 -17.78
C PRO B 42 1.61 16.64 -17.86
N ARG B 43 2.67 16.38 -18.63
CA ARG B 43 3.14 15.00 -18.75
C ARG B 43 3.66 14.47 -17.42
N THR B 44 4.46 15.26 -16.71
CA THR B 44 4.92 14.85 -15.40
C THR B 44 3.75 14.67 -14.45
N ASN B 45 2.82 15.63 -14.46
CA ASN B 45 1.71 15.56 -13.52
C ASN B 45 0.72 14.46 -13.86
N ALA B 46 0.55 14.13 -15.15
CA ALA B 46 -0.29 12.98 -15.50
C ALA B 46 0.34 11.69 -15.01
N HIS B 47 1.67 11.60 -15.11
CA HIS B 47 2.37 10.43 -14.61
C HIS B 47 2.18 10.28 -13.10
N LEU B 48 2.32 11.38 -12.35
CA LEU B 48 2.16 11.28 -10.91
C LEU B 48 0.71 11.03 -10.53
N LEU B 49 -0.24 11.54 -11.32
CA LEU B 49 -1.64 11.28 -11.02
C LEU B 49 -1.96 9.80 -11.15
N LYS B 50 -1.38 9.14 -12.16
CA LYS B 50 -1.65 7.72 -12.39
C LYS B 50 -0.86 6.84 -11.43
N TYR B 51 0.43 7.11 -11.24
CA TYR B 51 1.32 6.24 -10.46
C TYR B 51 1.55 6.90 -9.10
N ASP B 52 0.87 6.39 -8.07
CA ASP B 52 0.87 6.98 -6.74
C ASP B 52 1.41 5.96 -5.75
N SER B 53 2.46 6.34 -4.99
CA SER B 53 3.06 5.38 -4.08
C SER B 53 2.11 4.97 -2.96
N MET B 54 1.12 5.79 -2.65
CA MET B 54 0.21 5.54 -1.56
C MET B 54 -1.11 4.95 -2.04
N LEU B 55 -1.67 5.53 -3.11
CA LEU B 55 -2.98 5.14 -3.62
C LEU B 55 -2.90 4.00 -4.62
N GLY B 56 -1.71 3.68 -5.12
CA GLY B 56 -1.59 2.70 -6.18
C GLY B 56 -1.90 3.30 -7.54
N ILE B 57 -1.91 2.43 -8.54
CA ILE B 57 -2.11 2.84 -9.92
C ILE B 57 -3.58 3.14 -10.14
N PHE B 58 -3.88 4.31 -10.69
CA PHE B 58 -5.27 4.64 -10.98
C PHE B 58 -5.80 3.74 -12.08
N GLN B 59 -6.89 3.03 -11.78
CA GLN B 59 -7.41 2.02 -12.69
C GLN B 59 -8.74 2.39 -13.32
N ASP B 60 -9.50 3.32 -12.74
CA ASP B 60 -10.87 3.54 -13.17
C ASP B 60 -10.96 4.07 -14.60
N ALA B 61 -9.99 4.89 -15.01
CA ALA B 61 -10.02 5.47 -16.34
C ALA B 61 -8.60 5.69 -16.83
N GLU B 62 -8.47 6.00 -18.12
CA GLU B 62 -7.18 6.27 -18.71
C GLU B 62 -6.73 7.68 -18.37
N ILE B 63 -5.44 7.83 -18.09
CA ILE B 63 -4.83 9.13 -17.83
C ILE B 63 -3.71 9.35 -18.85
N THR B 64 -3.83 10.41 -19.64
CA THR B 64 -2.83 10.77 -20.64
C THR B 64 -2.61 12.27 -20.60
N ALA B 65 -1.69 12.77 -21.42
CA ALA B 65 -1.38 14.20 -21.40
C ALA B 65 -0.77 14.59 -22.73
N ASP B 66 -0.81 15.88 -23.01
CA ASP B 66 -0.04 16.46 -24.11
C ASP B 66 0.58 17.75 -23.58
N ASP B 67 1.05 18.61 -24.48
CA ASP B 67 1.73 19.82 -24.03
C ASP B 67 0.80 20.73 -23.22
N ASP B 68 -0.51 20.59 -23.38
CA ASP B 68 -1.45 21.58 -22.89
C ASP B 68 -2.43 21.07 -21.84
N CYS B 69 -2.67 19.76 -21.78
CA CYS B 69 -3.78 19.20 -21.02
C CYS B 69 -3.40 17.89 -20.40
N ILE B 70 -4.05 17.58 -19.29
CA ILE B 70 -4.16 16.22 -18.78
C ILE B 70 -5.55 15.71 -19.14
N TYR B 71 -5.60 14.47 -19.63
CA TYR B 71 -6.85 13.84 -20.02
C TYR B 71 -7.12 12.69 -19.06
N ALA B 72 -8.26 12.74 -18.39
CA ALA B 72 -8.66 11.70 -17.43
C ALA B 72 -9.93 11.05 -17.96
N GLY B 73 -9.79 9.93 -18.65
CA GLY B 73 -10.92 9.30 -19.29
C GLY B 73 -11.68 10.26 -20.18
N GLY B 74 -10.99 10.80 -21.19
CA GLY B 74 -11.63 11.69 -22.13
C GLY B 74 -11.80 13.12 -21.64
N HIS B 75 -11.97 13.29 -20.33
CA HIS B 75 -12.16 14.63 -19.76
C HIS B 75 -10.85 15.41 -19.83
N ALA B 76 -10.88 16.56 -20.50
CA ALA B 76 -9.67 17.37 -20.71
C ALA B 76 -9.53 18.41 -19.60
N VAL B 77 -8.39 18.40 -18.92
CA VAL B 77 -8.09 19.38 -17.89
C VAL B 77 -6.96 20.27 -18.41
N LYS B 78 -7.28 21.53 -18.67
CA LYS B 78 -6.26 22.46 -19.16
C LYS B 78 -5.21 22.72 -18.09
N CYS B 79 -3.95 22.84 -18.51
CA CYS B 79 -2.84 23.03 -17.58
C CYS B 79 -2.09 24.32 -17.87
N VAL B 80 -1.63 24.96 -16.80
CA VAL B 80 -0.77 26.13 -16.87
C VAL B 80 0.27 26.02 -15.77
N SER B 81 1.33 26.83 -15.87
CA SER B 81 2.41 26.75 -14.88
C SER B 81 2.96 28.16 -14.63
N ASP B 82 2.41 28.83 -13.62
CA ASP B 82 2.87 30.14 -13.21
C ASP B 82 2.77 30.23 -11.69
N ARG B 83 3.90 30.49 -11.02
CA ARG B 83 3.89 30.53 -9.55
C ARG B 83 3.11 31.72 -9.01
N ASN B 84 2.79 32.72 -9.84
CA ASN B 84 2.10 33.91 -9.37
C ASN B 84 0.62 33.82 -9.72
N PRO B 85 -0.26 33.61 -8.75
CA PRO B 85 -1.69 33.45 -9.09
C PRO B 85 -2.29 34.61 -9.83
N GLU B 86 -1.79 35.84 -9.62
CA GLU B 86 -2.35 36.99 -10.31
C GLU B 86 -2.29 36.85 -11.83
N ASN B 87 -1.39 36.02 -12.35
CA ASN B 87 -1.23 35.84 -13.78
C ASN B 87 -2.10 34.74 -14.35
N LEU B 88 -2.88 34.04 -13.52
CA LEU B 88 -3.49 32.80 -14.00
C LEU B 88 -4.72 33.10 -14.88
N PRO B 89 -5.04 32.17 -15.80
CA PRO B 89 -6.11 32.45 -16.78
C PRO B 89 -7.50 32.18 -16.26
N TRP B 90 -7.83 32.64 -15.05
CA TRP B 90 -9.06 32.19 -14.43
C TRP B 90 -10.30 32.78 -15.11
N SER B 91 -10.26 34.06 -15.51
CA SER B 91 -11.37 34.58 -16.29
C SER B 91 -11.44 33.93 -17.66
N ALA B 92 -10.29 33.72 -18.30
CA ALA B 92 -10.29 33.14 -19.63
C ALA B 92 -10.84 31.72 -19.63
N TRP B 93 -10.65 30.99 -18.54
CA TRP B 93 -11.18 29.63 -18.42
C TRP B 93 -12.51 29.58 -17.70
N GLY B 94 -13.10 30.73 -17.37
CA GLY B 94 -14.37 30.77 -16.67
C GLY B 94 -14.35 30.03 -15.35
N ILE B 95 -13.25 30.13 -14.60
CA ILE B 95 -13.13 29.40 -13.33
C ILE B 95 -14.05 30.00 -12.29
N ASP B 96 -14.86 29.14 -11.67
CA ASP B 96 -15.71 29.53 -10.54
C ASP B 96 -15.00 29.36 -9.20
N LEU B 97 -14.37 28.22 -8.98
CA LEU B 97 -13.80 27.85 -7.69
C LEU B 97 -12.37 27.36 -7.86
N VAL B 98 -11.45 27.95 -7.11
CA VAL B 98 -10.07 27.49 -7.06
C VAL B 98 -9.88 26.66 -5.80
N ILE B 99 -9.31 25.46 -5.95
CA ILE B 99 -8.85 24.65 -4.83
C ILE B 99 -7.39 25.04 -4.60
N GLU B 100 -7.13 25.75 -3.51
CA GLU B 100 -5.82 26.35 -3.25
C GLU B 100 -5.03 25.37 -2.40
N ALA B 101 -4.18 24.57 -3.06
CA ALA B 101 -3.50 23.44 -2.46
C ALA B 101 -1.99 23.55 -2.57
N THR B 102 -1.44 24.76 -2.70
CA THR B 102 0.01 24.91 -2.78
C THR B 102 0.67 24.97 -1.41
N GLY B 103 -0.07 25.37 -0.38
CA GLY B 103 0.49 25.64 0.92
C GLY B 103 1.08 27.03 1.09
N VAL B 104 1.10 27.87 0.05
CA VAL B 104 1.80 29.15 0.10
C VAL B 104 0.89 30.35 -0.12
N PHE B 105 -0.41 30.15 -0.26
CA PHE B 105 -1.35 31.25 -0.38
C PHE B 105 -2.51 31.06 0.60
N THR B 106 -2.17 30.90 1.89
CA THR B 106 -3.17 30.66 2.91
C THR B 106 -3.64 31.94 3.61
N SER B 107 -3.05 33.09 3.32
CA SER B 107 -3.55 34.35 3.82
C SER B 107 -4.62 34.91 2.89
N ARG B 108 -5.43 35.84 3.40
CA ARG B 108 -6.44 36.46 2.54
C ARG B 108 -5.78 37.18 1.38
N GLU B 109 -4.68 37.89 1.65
CA GLU B 109 -3.98 38.60 0.59
C GLU B 109 -3.48 37.63 -0.48
N GLY B 110 -2.92 36.50 -0.04
CA GLY B 110 -2.40 35.53 -0.99
C GLY B 110 -3.50 34.86 -1.79
N ALA B 111 -4.51 34.32 -1.10
CA ALA B 111 -5.59 33.63 -1.80
C ALA B 111 -6.37 34.60 -2.70
N SER B 112 -6.48 35.87 -2.30
CA SER B 112 -7.22 36.83 -3.12
C SER B 112 -6.57 37.05 -4.49
N LYS B 113 -5.30 36.70 -4.65
CA LYS B 113 -4.71 36.82 -5.98
C LYS B 113 -5.47 35.98 -7.00
N HIS B 114 -6.08 34.87 -6.57
CA HIS B 114 -6.93 34.10 -7.48
C HIS B 114 -8.18 34.87 -7.87
N LEU B 115 -8.76 35.61 -6.93
CA LEU B 115 -9.90 36.45 -7.26
C LEU B 115 -9.51 37.53 -8.24
N SER B 116 -8.33 38.14 -8.05
CA SER B 116 -7.87 39.16 -8.99
C SER B 116 -7.75 38.57 -10.39
N ALA B 117 -7.25 37.34 -10.49
CA ALA B 117 -7.10 36.67 -11.77
C ALA B 117 -8.42 36.25 -12.39
N GLY B 118 -9.54 36.41 -11.68
CA GLY B 118 -10.87 36.20 -12.26
C GLY B 118 -11.67 35.09 -11.62
N ALA B 119 -11.10 34.29 -10.74
CA ALA B 119 -11.87 33.26 -10.06
C ALA B 119 -12.91 33.90 -9.15
N LYS B 120 -14.01 33.19 -8.95
CA LYS B 120 -15.08 33.73 -8.11
C LYS B 120 -14.93 33.37 -6.65
N LYS B 121 -14.38 32.20 -6.33
CA LYS B 121 -14.21 31.79 -4.94
C LYS B 121 -12.95 30.94 -4.83
N VAL B 122 -12.38 30.91 -3.62
CA VAL B 122 -11.18 30.14 -3.32
C VAL B 122 -11.44 29.28 -2.09
N LEU B 123 -11.06 28.01 -2.16
CA LEU B 123 -11.15 27.08 -1.04
C LEU B 123 -9.72 26.66 -0.70
N ILE B 124 -9.22 27.12 0.45
CA ILE B 124 -7.85 26.82 0.87
C ILE B 124 -7.83 25.46 1.57
N THR B 125 -6.93 24.58 1.14
CA THR B 125 -6.84 23.22 1.70
C THR B 125 -5.94 23.20 2.93
N ALA B 126 -6.17 24.12 3.84
CA ALA B 126 -5.32 24.32 5.02
C ALA B 126 -5.96 25.40 5.88
N PRO B 127 -5.56 25.48 7.15
CA PRO B 127 -5.97 26.64 7.96
C PRO B 127 -5.60 27.94 7.27
N GLY B 128 -6.49 28.91 7.37
CA GLY B 128 -6.22 30.24 6.86
C GLY B 128 -5.45 31.06 7.86
N LYS B 129 -4.75 32.07 7.35
CA LYS B 129 -4.05 33.04 8.17
C LYS B 129 -4.92 34.29 8.22
N GLY B 130 -5.46 34.60 9.39
CA GLY B 130 -6.26 35.80 9.56
C GLY B 130 -7.73 35.54 9.79
N ASN B 131 -8.58 36.35 9.16
CA ASN B 131 -10.03 36.28 9.35
C ASN B 131 -10.70 35.54 8.21
N ILE B 132 -10.18 34.37 7.87
CA ILE B 132 -10.73 33.56 6.79
C ILE B 132 -11.74 32.59 7.40
N PRO B 133 -12.99 32.58 6.95
CA PRO B 133 -13.97 31.61 7.46
C PRO B 133 -13.43 30.19 7.31
N THR B 134 -13.54 29.41 8.40
CA THR B 134 -12.98 28.06 8.47
C THR B 134 -14.11 27.08 8.72
N TYR B 135 -14.11 25.98 7.95
CA TYR B 135 -15.18 25.00 7.99
C TYR B 135 -14.64 23.60 8.14
N VAL B 136 -15.38 22.79 8.91
CA VAL B 136 -15.18 21.36 9.00
C VAL B 136 -16.50 20.70 8.67
N VAL B 137 -16.54 19.92 7.58
CA VAL B 137 -17.78 19.29 7.19
C VAL B 137 -18.23 18.34 8.30
N GLY B 138 -19.51 18.43 8.67
CA GLY B 138 -20.04 17.67 9.78
C GLY B 138 -20.01 18.38 11.11
N VAL B 139 -19.29 19.50 11.22
CA VAL B 139 -19.19 20.27 12.45
C VAL B 139 -19.84 21.64 12.30
N ASN B 140 -19.45 22.41 11.27
CA ASN B 140 -20.06 23.72 11.11
C ASN B 140 -20.25 24.12 9.64
N HIS B 141 -20.17 23.19 8.69
CA HIS B 141 -20.20 23.60 7.28
C HIS B 141 -21.57 24.14 6.89
N HIS B 142 -22.63 23.82 7.63
CA HIS B 142 -23.92 24.41 7.30
C HIS B 142 -23.99 25.89 7.65
N THR B 143 -22.99 26.42 8.36
CA THR B 143 -22.93 27.86 8.58
C THR B 143 -22.24 28.60 7.45
N TYR B 144 -21.76 27.90 6.44
CA TYR B 144 -21.16 28.56 5.29
C TYR B 144 -22.15 29.55 4.67
N ASP B 145 -21.64 30.71 4.28
CA ASP B 145 -22.45 31.75 3.67
C ASP B 145 -22.01 31.93 2.22
N PRO B 146 -22.94 31.83 1.25
CA PRO B 146 -22.52 31.91 -0.16
C PRO B 146 -21.88 33.24 -0.54
N SER B 147 -21.97 34.26 0.31
CA SER B 147 -21.30 35.52 0.03
C SER B 147 -19.80 35.46 0.30
N GLU B 148 -19.31 34.42 0.99
CA GLU B 148 -17.89 34.34 1.30
C GLU B 148 -17.12 33.90 0.06
N ASP B 149 -16.10 34.68 -0.28
CA ASP B 149 -15.31 34.40 -1.47
C ASP B 149 -14.03 33.62 -1.18
N ILE B 150 -13.59 33.56 0.08
CA ILE B 150 -12.40 32.80 0.47
C ILE B 150 -12.72 32.02 1.73
N VAL B 151 -12.53 30.71 1.70
CA VAL B 151 -12.81 29.84 2.84
C VAL B 151 -11.66 28.88 3.05
N SER B 152 -11.59 28.33 4.26
CA SER B 152 -10.61 27.34 4.66
C SER B 152 -11.31 26.06 5.07
N ASN B 153 -10.78 24.91 4.63
CA ASN B 153 -11.21 23.61 5.10
C ASN B 153 -10.39 23.10 6.28
N ALA B 154 -9.67 24.00 6.96
CA ALA B 154 -8.87 23.63 8.12
C ALA B 154 -7.81 22.62 7.74
N SER B 155 -7.31 21.84 8.69
CA SER B 155 -6.26 20.86 8.46
C SER B 155 -6.79 19.45 8.62
N CYS B 156 -5.94 18.48 8.30
CA CYS B 156 -6.32 17.08 8.47
C CYS B 156 -6.63 16.77 9.94
N THR B 157 -5.75 17.21 10.84
CA THR B 157 -5.98 16.93 12.26
C THR B 157 -7.24 17.62 12.77
N THR B 158 -7.50 18.84 12.33
CA THR B 158 -8.72 19.52 12.73
C THR B 158 -9.94 18.73 12.29
N ASN B 159 -9.90 18.17 11.07
CA ASN B 159 -11.06 17.46 10.57
C ASN B 159 -11.28 16.16 11.33
N CYS B 160 -10.20 15.56 11.83
CA CYS B 160 -10.35 14.35 12.66
C CYS B 160 -10.82 14.70 14.06
N LEU B 161 -10.23 15.72 14.66
CA LEU B 161 -10.49 15.97 16.08
C LEU B 161 -11.81 16.72 16.29
N ALA B 162 -12.13 17.70 15.44
CA ALA B 162 -13.30 18.53 15.70
C ALA B 162 -14.60 17.75 15.79
N PRO B 163 -14.89 16.78 14.92
CA PRO B 163 -16.14 16.03 15.08
C PRO B 163 -16.20 15.28 16.40
N ILE B 164 -15.09 14.71 16.83
CA ILE B 164 -15.05 14.02 18.12
C ILE B 164 -15.29 15.00 19.25
N VAL B 165 -14.62 16.15 19.20
CA VAL B 165 -14.77 17.16 20.25
C VAL B 165 -16.22 17.63 20.32
N LYS B 166 -16.84 17.89 19.15
CA LYS B 166 -18.21 18.36 19.14
C LYS B 166 -19.13 17.37 19.87
N VAL B 167 -18.98 16.08 19.57
CA VAL B 167 -19.81 15.06 20.20
C VAL B 167 -19.53 15.01 21.70
N LEU B 168 -18.26 15.00 22.10
CA LEU B 168 -17.93 14.93 23.52
C LEU B 168 -18.38 16.18 24.25
N HIS B 169 -18.24 17.35 23.61
CA HIS B 169 -18.62 18.59 24.29
C HIS B 169 -20.12 18.62 24.56
N GLU B 170 -20.93 18.16 23.60
CA GLU B 170 -22.37 18.19 23.79
C GLU B 170 -22.85 17.14 24.77
N ALA B 171 -22.11 16.03 24.92
CA ALA B 171 -22.52 14.99 25.85
C ALA B 171 -22.03 15.25 27.27
N PHE B 172 -20.80 15.75 27.43
CA PHE B 172 -20.17 15.85 28.74
C PHE B 172 -19.71 17.23 29.13
N GLY B 173 -19.68 18.19 28.20
CA GLY B 173 -19.15 19.51 28.49
C GLY B 173 -17.63 19.52 28.61
N ILE B 174 -16.95 19.90 27.53
CA ILE B 174 -15.49 19.97 27.56
C ILE B 174 -15.06 21.30 28.16
N GLN B 175 -14.32 21.24 29.27
CA GLN B 175 -13.83 22.43 29.96
C GLN B 175 -12.45 22.83 29.48
N GLN B 176 -11.57 21.84 29.28
CA GLN B 176 -10.25 22.01 28.70
C GLN B 176 -9.90 20.72 27.99
N GLY B 177 -9.00 20.82 27.02
CA GLY B 177 -8.57 19.63 26.30
C GLY B 177 -7.18 19.75 25.71
N MET B 178 -6.40 18.68 25.79
CA MET B 178 -5.05 18.60 25.25
C MET B 178 -5.03 17.57 24.12
N MET B 179 -4.25 17.85 23.08
CA MET B 179 -4.16 16.96 21.93
C MET B 179 -2.71 16.71 21.56
N THR B 180 -2.41 15.49 21.13
CA THR B 180 -1.16 15.18 20.46
C THR B 180 -1.50 14.29 19.29
N THR B 181 -1.13 14.70 18.07
CA THR B 181 -1.29 13.84 16.91
C THR B 181 0.05 13.20 16.61
N THR B 182 0.07 11.86 16.62
CA THR B 182 1.19 11.11 16.09
C THR B 182 0.91 10.90 14.60
N HIS B 183 1.66 11.61 13.78
CA HIS B 183 1.24 11.99 12.44
C HIS B 183 2.28 11.55 11.42
N SER B 184 1.81 11.03 10.28
CA SER B 184 2.75 10.70 9.21
C SER B 184 3.50 11.94 8.75
N TYR B 185 4.69 11.73 8.20
CA TYR B 185 5.40 12.89 7.68
C TYR B 185 4.69 13.42 6.44
N THR B 186 4.90 14.70 6.14
CA THR B 186 4.36 15.31 4.94
C THR B 186 5.49 15.99 4.18
N GLY B 187 5.16 16.47 2.98
CA GLY B 187 6.17 17.06 2.11
C GLY B 187 6.76 18.36 2.63
N ASP B 188 6.16 18.95 3.66
CA ASP B 188 6.74 20.13 4.28
C ASP B 188 8.00 19.79 5.08
N GLN B 189 8.19 18.51 5.42
CA GLN B 189 9.36 18.10 6.14
C GLN B 189 10.47 17.74 5.16
N ARG B 190 11.67 17.61 5.68
CA ARG B 190 12.85 17.38 4.86
C ARG B 190 13.23 15.91 4.85
N LEU B 191 13.60 15.42 3.65
CA LEU B 191 14.00 14.01 3.54
C LEU B 191 15.30 13.75 4.28
N LEU B 192 16.29 14.63 4.13
CA LEU B 192 17.49 14.63 4.97
C LEU B 192 17.63 16.01 5.60
N ASP B 193 18.42 16.09 6.68
CA ASP B 193 18.54 17.36 7.41
C ASP B 193 18.80 18.51 6.45
N ALA B 194 17.93 19.53 6.50
CA ALA B 194 18.06 20.66 5.57
C ALA B 194 17.30 21.85 6.14
N SER B 195 17.68 23.03 5.69
CA SER B 195 17.12 24.23 6.31
C SER B 195 15.60 24.27 6.17
N HIS B 196 14.97 24.81 7.20
CA HIS B 196 13.52 24.90 7.33
C HIS B 196 13.25 26.00 8.34
N ARG B 197 12.14 26.72 8.17
CA ARG B 197 11.77 27.72 9.18
C ARG B 197 11.54 27.08 10.54
N ASP B 198 11.16 25.81 10.56
CA ASP B 198 10.89 25.02 11.76
C ASP B 198 12.10 24.10 11.95
N LEU B 199 12.88 24.35 13.00
CA LEU B 199 14.16 23.65 13.17
C LEU B 199 13.99 22.16 13.39
N ARG B 200 12.79 21.70 13.74
CA ARG B 200 12.60 20.27 13.88
C ARG B 200 12.09 19.65 12.58
N ARG B 201 11.20 20.33 11.86
CA ARG B 201 10.83 19.87 10.53
C ARG B 201 12.02 19.91 9.56
N ALA B 202 13.09 20.60 9.92
CA ALA B 202 14.34 20.53 9.17
C ALA B 202 14.94 19.12 9.13
N ARG B 203 14.57 18.25 10.07
CA ARG B 203 15.34 17.03 10.32
C ARG B 203 14.79 15.82 9.59
N ALA B 204 15.71 15.01 9.07
CA ALA B 204 15.41 13.83 8.27
C ALA B 204 14.13 13.11 8.71
N ALA B 205 13.09 13.20 7.88
CA ALA B 205 11.74 12.90 8.35
C ALA B 205 11.50 11.39 8.54
N ALA B 206 12.13 10.55 7.74
CA ALA B 206 11.91 9.11 7.84
C ALA B 206 12.83 8.44 8.85
N MET B 207 13.66 9.23 9.54
N MET B 207 13.63 9.20 9.58
CA MET B 207 14.61 8.80 10.55
CA MET B 207 14.49 8.61 10.59
C MET B 207 14.22 9.16 11.97
C MET B 207 14.36 9.33 11.94
N ASN B 208 13.27 10.07 12.15
CA ASN B 208 13.10 10.81 13.39
C ASN B 208 11.65 10.86 13.82
N ILE B 209 11.45 10.90 15.14
CA ILE B 209 10.23 11.43 15.74
C ILE B 209 10.44 12.93 15.87
N VAL B 210 9.52 13.72 15.30
CA VAL B 210 9.71 15.16 15.13
C VAL B 210 8.57 15.93 15.77
N PRO B 211 8.73 16.51 16.95
CA PRO B 211 7.69 17.39 17.50
C PRO B 211 7.54 18.65 16.66
N THR B 212 6.29 19.08 16.47
CA THR B 212 6.05 20.33 15.74
C THR B 212 4.61 20.79 16.02
N SER B 213 4.16 21.79 15.29
CA SER B 213 2.83 22.35 15.44
C SER B 213 1.78 21.49 14.74
N THR B 214 0.55 21.61 15.24
CA THR B 214 -0.65 21.09 14.58
C THR B 214 -1.65 22.23 14.42
N GLY B 215 -2.21 22.35 13.22
CA GLY B 215 -3.24 23.35 12.98
C GLY B 215 -4.46 23.16 13.84
N ALA B 216 -4.72 21.94 14.29
CA ALA B 216 -5.88 21.65 15.12
C ALA B 216 -5.83 22.37 16.46
N ALA B 217 -4.64 22.72 16.96
CA ALA B 217 -4.58 23.39 18.26
C ALA B 217 -5.42 24.65 18.27
N LYS B 218 -5.42 25.39 17.17
CA LYS B 218 -6.23 26.60 17.08
C LYS B 218 -7.48 26.42 16.25
N ALA B 219 -7.48 25.51 15.27
CA ALA B 219 -8.57 25.47 14.31
C ALA B 219 -9.84 24.84 14.89
N VAL B 220 -9.71 23.92 15.84
CA VAL B 220 -10.91 23.32 16.41
C VAL B 220 -11.76 24.39 17.09
N GLY B 221 -11.11 25.34 17.77
CA GLY B 221 -11.83 26.43 18.39
C GLY B 221 -12.46 27.41 17.41
N LEU B 222 -12.05 27.36 16.14
CA LEU B 222 -12.69 28.19 15.13
C LEU B 222 -13.99 27.58 14.64
N VAL B 223 -14.06 26.25 14.57
CA VAL B 223 -15.27 25.59 14.10
C VAL B 223 -16.21 25.21 15.24
N ILE B 224 -15.73 25.19 16.47
CA ILE B 224 -16.60 25.09 17.65
C ILE B 224 -16.31 26.32 18.52
N PRO B 225 -16.91 27.46 18.22
CA PRO B 225 -16.53 28.71 18.92
C PRO B 225 -16.59 28.63 20.44
N GLU B 226 -17.52 27.85 20.99
CA GLU B 226 -17.62 27.71 22.45
C GLU B 226 -16.27 27.36 23.07
N LEU B 227 -15.47 26.54 22.40
CA LEU B 227 -14.25 26.02 22.99
C LEU B 227 -13.02 26.83 22.60
N GLN B 228 -13.20 28.00 22.00
CA GLN B 228 -12.05 28.82 21.65
C GLN B 228 -11.22 29.10 22.90
N GLY B 229 -9.91 28.92 22.78
CA GLY B 229 -9.00 29.11 23.89
C GLY B 229 -8.97 27.99 24.90
N LYS B 230 -9.78 26.96 24.74
CA LYS B 230 -9.87 25.90 25.73
C LYS B 230 -9.14 24.63 25.32
N LEU B 231 -8.50 24.61 24.16
CA LEU B 231 -7.78 23.45 23.65
C LEU B 231 -6.37 23.86 23.27
N ASN B 232 -5.44 22.89 23.34
CA ASN B 232 -4.08 23.14 22.90
C ASN B 232 -3.46 21.78 22.62
N GLY B 233 -2.33 21.79 21.92
CA GLY B 233 -1.62 20.55 21.72
C GLY B 233 -0.56 20.67 20.64
N ILE B 234 -0.01 19.52 20.26
CA ILE B 234 1.17 19.45 19.42
C ILE B 234 1.03 18.27 18.46
N ALA B 235 2.00 18.18 17.55
CA ALA B 235 2.15 17.03 16.67
C ALA B 235 3.51 16.38 16.92
N LEU B 236 3.55 15.07 16.71
CA LEU B 236 4.77 14.28 16.67
C LEU B 236 4.78 13.63 15.29
N ARG B 237 5.59 14.16 14.37
CA ARG B 237 5.69 13.56 13.05
C ARG B 237 6.58 12.33 13.13
N VAL B 238 6.14 11.22 12.55
CA VAL B 238 6.88 9.97 12.65
C VAL B 238 7.08 9.34 11.28
N PRO B 239 7.97 8.35 11.15
CA PRO B 239 8.34 7.82 9.83
C PRO B 239 7.34 6.87 9.15
N THR B 240 6.09 7.30 9.04
CA THR B 240 5.13 6.68 8.14
C THR B 240 4.71 7.70 7.09
N PRO B 241 4.43 7.26 5.85
CA PRO B 241 4.16 8.22 4.77
C PRO B 241 2.73 8.69 4.66
N ASN B 242 1.80 8.04 5.36
CA ASN B 242 0.40 8.49 5.36
C ASN B 242 -0.33 7.75 6.45
N VAL B 243 -1.38 8.40 6.97
CA VAL B 243 -2.28 7.96 8.02
C VAL B 243 -1.73 8.41 9.37
N SER B 244 -2.60 8.99 10.19
CA SER B 244 -2.22 9.66 11.41
C SER B 244 -3.22 9.29 12.50
N VAL B 245 -2.87 9.60 13.75
CA VAL B 245 -3.77 9.28 14.85
C VAL B 245 -3.65 10.37 15.91
N VAL B 246 -4.79 10.86 16.38
CA VAL B 246 -4.81 11.94 17.35
C VAL B 246 -5.24 11.39 18.69
N ASP B 247 -4.54 11.83 19.73
CA ASP B 247 -4.78 11.46 21.12
C ASP B 247 -5.33 12.70 21.80
N PHE B 248 -6.52 12.60 22.37
CA PHE B 248 -7.21 13.76 22.95
C PHE B 248 -7.56 13.44 24.39
N VAL B 249 -7.11 14.30 25.31
CA VAL B 249 -7.38 14.16 26.74
C VAL B 249 -8.15 15.38 27.17
N ALA B 250 -9.37 15.17 27.65
CA ALA B 250 -10.30 16.25 27.95
C ALA B 250 -10.67 16.22 29.42
N GLN B 251 -10.76 17.42 29.99
CA GLN B 251 -11.38 17.64 31.29
C GLN B 251 -12.84 17.97 31.04
N VAL B 252 -13.74 17.11 31.53
CA VAL B 252 -15.16 17.24 31.20
C VAL B 252 -15.95 17.54 32.47
N GLU B 253 -17.12 18.16 32.26
CA GLU B 253 -17.95 18.59 33.37
C GLU B 253 -18.74 17.43 33.97
N LYS B 254 -19.38 16.62 33.12
CA LYS B 254 -20.19 15.50 33.59
C LYS B 254 -19.33 14.26 33.75
N PRO B 255 -19.26 13.66 34.95
CA PRO B 255 -18.49 12.42 35.11
C PRO B 255 -19.03 11.31 34.23
N THR B 256 -18.13 10.44 33.78
CA THR B 256 -18.48 9.34 32.88
C THR B 256 -17.47 8.21 33.06
N ILE B 257 -17.61 7.16 32.24
CA ILE B 257 -16.68 6.05 32.17
C ILE B 257 -16.43 5.72 30.71
N ALA B 258 -15.38 4.93 30.46
CA ALA B 258 -14.97 4.65 29.08
C ALA B 258 -16.14 4.13 28.24
N GLU B 259 -16.90 3.18 28.78
CA GLU B 259 -18.01 2.59 28.02
C GLU B 259 -18.99 3.64 27.53
N GLN B 260 -19.33 4.61 28.39
CA GLN B 260 -20.32 5.61 28.03
C GLN B 260 -19.78 6.57 26.99
N VAL B 261 -18.49 6.95 27.10
CA VAL B 261 -17.86 7.76 26.08
C VAL B 261 -17.96 7.07 24.72
N ASN B 262 -17.59 5.78 24.68
CA ASN B 262 -17.67 5.02 23.43
C ASN B 262 -19.11 4.96 22.91
N GLN B 263 -20.07 4.65 23.78
CA GLN B 263 -21.45 4.55 23.32
C GLN B 263 -21.92 5.88 22.73
N VAL B 264 -21.55 7.00 23.36
CA VAL B 264 -21.94 8.31 22.87
C VAL B 264 -21.38 8.53 21.47
N ILE B 265 -20.12 8.20 21.26
CA ILE B 265 -19.53 8.41 19.94
C ILE B 265 -20.10 7.42 18.93
N LYS B 266 -20.32 6.17 19.35
CA LYS B 266 -20.93 5.20 18.44
C LYS B 266 -22.29 5.69 17.96
N GLU B 267 -23.13 6.18 18.86
CA GLU B 267 -24.45 6.64 18.46
C GLU B 267 -24.35 7.80 17.48
N ALA B 268 -23.48 8.76 17.75
CA ALA B 268 -23.28 9.86 16.83
C ALA B 268 -22.82 9.34 15.46
N SER B 269 -21.90 8.38 15.45
CA SER B 269 -21.39 7.85 14.18
C SER B 269 -22.47 7.17 13.37
N GLU B 270 -23.55 6.74 14.02
CA GLU B 270 -24.67 6.13 13.32
C GLU B 270 -25.75 7.14 12.94
N THR B 271 -25.65 8.38 13.42
CA THR B 271 -26.71 9.36 13.18
C THR B 271 -26.13 10.69 12.73
N THR B 272 -25.96 11.63 13.66
CA THR B 272 -25.59 13.01 13.31
C THR B 272 -24.23 13.07 12.61
N MET B 273 -23.35 12.12 12.90
CA MET B 273 -21.99 12.13 12.36
C MET B 273 -21.75 10.99 11.38
N LYS B 274 -22.80 10.39 10.83
CA LYS B 274 -22.62 9.27 9.93
C LYS B 274 -21.85 9.71 8.70
N GLY B 275 -20.83 8.93 8.32
CA GLY B 275 -19.95 9.29 7.24
C GLY B 275 -18.83 10.21 7.63
N ILE B 276 -18.88 10.82 8.81
CA ILE B 276 -17.83 11.69 9.30
C ILE B 276 -17.00 10.99 10.36
N ILE B 277 -17.65 10.45 11.38
CA ILE B 277 -17.00 9.60 12.37
C ILE B 277 -17.37 8.15 12.08
N HIS B 278 -16.35 7.30 12.03
CA HIS B 278 -16.55 5.86 12.07
C HIS B 278 -16.12 5.35 13.45
N TYR B 279 -16.88 4.38 13.97
CA TYR B 279 -16.62 3.78 15.28
C TYR B 279 -16.06 2.39 15.07
N SER B 280 -14.88 2.12 15.62
CA SER B 280 -14.23 0.84 15.41
C SER B 280 -13.88 0.19 16.74
N GLU B 281 -14.25 -1.08 16.89
CA GLU B 281 -13.78 -1.89 18.01
C GLU B 281 -12.68 -2.87 17.59
N LEU B 282 -12.12 -2.71 16.40
CA LEU B 282 -11.14 -3.66 15.89
C LEU B 282 -9.73 -3.24 16.30
N GLU B 283 -8.85 -4.23 16.39
CA GLU B 283 -7.46 -4.00 16.82
C GLU B 283 -6.57 -3.81 15.60
N LEU B 284 -6.66 -2.64 14.99
CA LEU B 284 -6.00 -2.37 13.73
C LEU B 284 -4.81 -1.42 13.92
N VAL B 285 -4.07 -1.24 12.84
CA VAL B 285 -2.91 -0.37 12.82
C VAL B 285 -3.00 0.57 11.62
N SER B 286 -2.05 1.51 11.53
CA SER B 286 -2.22 2.63 10.60
C SER B 286 -2.43 2.17 9.16
N SER B 287 -1.71 1.15 8.69
CA SER B 287 -1.88 0.73 7.30
CA SER B 287 -1.88 0.75 7.29
C SER B 287 -3.33 0.37 6.99
N ASP B 288 -4.06 -0.12 7.98
CA ASP B 288 -5.42 -0.58 7.74
C ASP B 288 -6.37 0.57 7.42
N TYR B 289 -6.00 1.80 7.72
CA TYR B 289 -6.88 2.93 7.50
C TYR B 289 -6.54 3.69 6.23
N ARG B 290 -5.59 3.20 5.44
CA ARG B 290 -5.35 3.78 4.13
C ARG B 290 -6.63 3.77 3.32
N GLY B 291 -7.02 4.95 2.83
CA GLY B 291 -8.17 5.05 1.97
C GLY B 291 -9.49 5.17 2.71
N HIS B 292 -9.48 5.20 4.03
CA HIS B 292 -10.73 5.33 4.76
C HIS B 292 -11.34 6.70 4.47
N ASN B 293 -12.66 6.70 4.24
CA ASN B 293 -13.34 7.93 3.87
C ASN B 293 -13.78 8.77 5.06
N ALA B 294 -13.74 8.24 6.28
CA ALA B 294 -14.20 9.01 7.42
C ALA B 294 -13.19 10.10 7.76
N SER B 295 -13.68 11.19 8.37
CA SER B 295 -12.74 12.18 8.90
C SER B 295 -12.04 11.64 10.14
N SER B 296 -12.69 10.73 10.88
N SER B 296 -12.73 10.79 10.89
CA SER B 296 -12.19 10.30 12.18
CA SER B 296 -12.26 10.29 12.17
C SER B 296 -12.71 8.91 12.48
C SER B 296 -12.70 8.85 12.30
N ILE B 297 -11.80 7.98 12.75
CA ILE B 297 -12.16 6.62 13.14
C ILE B 297 -11.80 6.46 14.61
N LEU B 298 -12.82 6.44 15.47
CA LEU B 298 -12.56 6.26 16.88
C LEU B 298 -12.08 4.84 17.14
N ASP B 299 -10.94 4.73 17.82
CA ASP B 299 -10.39 3.42 18.20
C ASP B 299 -10.91 3.13 19.60
N ALA B 300 -12.04 2.43 19.67
CA ALA B 300 -12.79 2.34 20.91
C ALA B 300 -12.05 1.58 22.00
N SER B 301 -11.22 0.61 21.61
CA SER B 301 -10.46 -0.17 22.59
C SER B 301 -9.50 0.68 23.39
N LEU B 302 -9.18 1.88 22.92
CA LEU B 302 -8.20 2.74 23.57
C LEU B 302 -8.82 3.82 24.45
N THR B 303 -10.14 3.92 24.48
CA THR B 303 -10.80 4.92 25.32
C THR B 303 -10.52 4.66 26.80
N MET B 304 -10.23 5.74 27.53
CA MET B 304 -9.91 5.67 28.94
C MET B 304 -10.53 6.85 29.66
N VAL B 305 -10.92 6.63 30.92
CA VAL B 305 -11.39 7.69 31.81
C VAL B 305 -10.83 7.46 33.20
N LEU B 306 -10.46 8.54 33.87
CA LEU B 306 -9.96 8.50 35.24
C LEU B 306 -10.70 9.54 36.08
N GLY B 307 -11.21 9.10 37.23
CA GLY B 307 -11.87 10.02 38.15
C GLY B 307 -13.13 10.64 37.61
N GLY B 308 -13.73 10.04 36.59
CA GLY B 308 -14.96 10.54 36.01
C GLY B 308 -14.78 11.67 35.00
N ASN B 309 -13.82 12.56 35.24
CA ASN B 309 -13.76 13.81 34.50
C ASN B 309 -12.59 13.92 33.54
N LEU B 310 -11.66 12.97 33.52
CA LEU B 310 -10.49 13.02 32.65
C LEU B 310 -10.65 11.93 31.60
N VAL B 311 -10.91 12.34 30.36
CA VAL B 311 -11.30 11.43 29.29
C VAL B 311 -10.21 11.41 28.23
N LYS B 312 -9.83 10.21 27.79
CA LYS B 312 -8.87 10.02 26.71
C LYS B 312 -9.54 9.25 25.58
N VAL B 313 -9.48 9.82 24.37
CA VAL B 313 -9.96 9.15 23.17
C VAL B 313 -8.86 9.22 22.12
N VAL B 314 -8.88 8.26 21.20
CA VAL B 314 -7.85 8.09 20.18
C VAL B 314 -8.55 7.84 18.87
N ALA B 315 -8.22 8.64 17.85
CA ALA B 315 -8.93 8.56 16.57
C ALA B 315 -7.94 8.58 15.41
N TRP B 316 -8.17 7.69 14.44
CA TRP B 316 -7.37 7.58 13.23
C TRP B 316 -7.90 8.51 12.14
N TYR B 317 -7.02 8.83 11.19
CA TYR B 317 -7.47 9.55 9.99
C TYR B 317 -6.46 9.39 8.88
N ASP B 318 -6.95 9.18 7.66
CA ASP B 318 -6.08 9.20 6.49
C ASP B 318 -5.91 10.67 6.12
N ASN B 319 -4.76 11.24 6.49
CA ASN B 319 -4.59 12.68 6.36
C ASN B 319 -4.52 13.13 4.91
N GLU B 320 -4.19 12.24 3.98
CA GLU B 320 -4.25 12.61 2.56
C GLU B 320 -5.63 12.40 1.96
N TRP B 321 -6.14 11.17 2.03
CA TRP B 321 -7.35 10.81 1.32
C TRP B 321 -8.61 11.27 2.07
N GLY B 322 -8.69 11.00 3.38
CA GLY B 322 -9.86 11.43 4.12
C GLY B 322 -10.01 12.94 4.09
N TYR B 323 -8.91 13.67 4.23
CA TYR B 323 -9.00 15.11 4.17
C TYR B 323 -9.44 15.57 2.78
N SER B 324 -8.91 14.94 1.73
CA SER B 324 -9.30 15.34 0.38
C SER B 324 -10.76 15.03 0.10
N GLN B 325 -11.28 13.94 0.66
CA GLN B 325 -12.71 13.68 0.58
C GLN B 325 -13.50 14.82 1.18
N ARG B 326 -13.01 15.39 2.30
CA ARG B 326 -13.72 16.50 2.93
C ARG B 326 -13.56 17.80 2.14
N VAL B 327 -12.40 18.02 1.51
CA VAL B 327 -12.29 19.14 0.59
C VAL B 327 -13.34 19.03 -0.49
N LEU B 328 -13.48 17.84 -1.07
CA LEU B 328 -14.51 17.63 -2.09
C LEU B 328 -15.91 17.84 -1.51
N ASP B 329 -16.18 17.34 -0.30
CA ASP B 329 -17.49 17.55 0.32
C ASP B 329 -17.77 19.04 0.52
N LEU B 330 -16.78 19.81 0.97
CA LEU B 330 -16.98 21.24 1.16
C LEU B 330 -17.25 21.92 -0.18
N ALA B 331 -16.47 21.57 -1.22
CA ALA B 331 -16.70 22.18 -2.53
C ALA B 331 -18.08 21.83 -3.08
N GLU B 332 -18.52 20.58 -2.92
CA GLU B 332 -19.87 20.21 -3.35
C GLU B 332 -20.92 21.01 -2.58
N HIS B 333 -20.67 21.25 -1.30
CA HIS B 333 -21.60 22.04 -0.50
C HIS B 333 -21.66 23.48 -1.00
N MET B 334 -20.50 24.08 -1.26
CA MET B 334 -20.47 25.42 -1.84
C MET B 334 -21.21 25.45 -3.16
N ALA B 335 -21.02 24.43 -4.01
CA ALA B 335 -21.72 24.39 -5.28
C ALA B 335 -23.22 24.25 -5.10
N ALA B 336 -23.64 23.45 -4.12
CA ALA B 336 -25.07 23.28 -3.88
C ALA B 336 -25.72 24.60 -3.46
N HIS B 337 -24.98 25.45 -2.77
CA HIS B 337 -25.48 26.73 -2.28
C HIS B 337 -24.92 27.91 -3.08
N TRP B 338 -24.57 27.69 -4.34
CA TRP B 338 -23.98 28.74 -5.14
C TRP B 338 -25.07 29.74 -5.52
N ALA B 339 -24.96 30.96 -5.00
CA ALA B 339 -26.00 31.97 -5.18
C ALA B 339 -26.26 32.31 -6.65
#